data_6MD7
#
_entry.id   6MD7
#
_cell.length_a   46.050
_cell.length_b   213.590
_cell.length_c   55.910
_cell.angle_alpha   90.000
_cell.angle_beta   96.510
_cell.angle_gamma   90.000
#
_symmetry.space_group_name_H-M   'P 1 21 1'
#
loop_
_entity.id
_entity.type
_entity.pdbx_description
1 polymer 'Tyrosine-protein phosphatase non-receptor type 11'
2 non-polymer 2-[4-(aminomethyl)-4-methylpiperidin-1-yl]-5-{[2-(trifluoromethyl)pyridin-3-yl]sulfanyl}pyrimidin-4(3H)-one
3 non-polymer 'PHOSPHATE ION'
4 water water
#
_entity_poly.entity_id   1
_entity_poly.type   'polypeptide(L)'
_entity_poly.pdbx_seq_one_letter_code
;SMTSRRWFHPNITGVEAENLLLTRGVDGSFLARPSKSNPGDFTLSVRRNGAVTHIKIQNTGDYYDLYGGEKFATLAELVQ
YYMEHHGQLKEKNGDVIELKYPLNCADPTSERWFHGHLSGKEAEKLLTEKGKHGSFLVRESQSHPGDFVLSVRTGDDKGE
SNDGKSKVTHVMIRCQELKYDVGGGERFDSLTDLVEHYKKNPMVETLGTVLQLKQPLNTTRINAAEIESRVRELSKLAET
TDKVKQGFWEEFETLQQQECKLLYSRKEGQRQENKNKNRYKNILPFDHTRVVLHDGDPNEPVSDYINANIIMPEFETKCN
NSKPKKSYIATQGCLQNTVNDFWRMVFQENSRVIVMTTKEVERGKSKCVKYWPDEYALKEYGVMRVRNVKESAAHDYTLR
ELKLSKVGQGNTERTVWQYHFRTWPDHGVPSDPGGVLDFLEEVHHKQESIMDAGPVVVHCSAGIGRTGTFIVIDILIDII
REKGVDCDIDVPKTIQMVRSQRSGMVQTEAQYRFIYMAVQHYIETL
;
_entity_poly.pdbx_strand_id   A,B
#
loop_
_chem_comp.id
_chem_comp.type
_chem_comp.name
_chem_comp.formula
JE1 non-polymer 2-[4-(aminomethyl)-4-methylpiperidin-1-yl]-5-{[2-(trifluoromethyl)pyridin-3-yl]sulfanyl}pyrimidin-4(3H)-one 'C17 H20 F3 N5 O S'
PO4 non-polymer 'PHOSPHATE ION' 'O4 P -3'
#
# COMPACT_ATOMS: atom_id res chain seq x y z
N SER A 4 5.14 -40.94 2.15
CA SER A 4 3.70 -41.13 1.90
C SER A 4 2.82 -39.95 2.34
N ARG A 5 1.67 -39.77 1.65
CA ARG A 5 0.67 -38.75 1.91
C ARG A 5 -0.71 -39.44 2.08
N ARG A 6 -0.68 -40.68 2.65
CA ARG A 6 -1.86 -41.52 2.88
C ARG A 6 -2.80 -40.94 3.94
N TRP A 7 -2.28 -40.01 4.79
CA TRP A 7 -3.07 -39.34 5.82
C TRP A 7 -4.10 -38.37 5.22
N PHE A 8 -3.99 -38.06 3.91
CA PHE A 8 -4.96 -37.17 3.27
C PHE A 8 -6.11 -37.98 2.70
N HIS A 9 -7.34 -37.69 3.15
CA HIS A 9 -8.55 -38.37 2.70
C HIS A 9 -9.36 -37.36 1.86
N PRO A 10 -9.40 -37.49 0.49
CA PRO A 10 -10.07 -36.48 -0.32
C PRO A 10 -11.60 -36.42 -0.27
N ASN A 11 -12.30 -37.53 0.08
CA ASN A 11 -13.77 -37.56 0.04
C ASN A 11 -14.49 -37.81 1.37
N ILE A 12 -13.84 -37.61 2.53
CA ILE A 12 -14.55 -37.86 3.80
C ILE A 12 -15.16 -36.60 4.42
N THR A 13 -16.33 -36.76 5.05
CA THR A 13 -17.00 -35.71 5.80
C THR A 13 -16.37 -35.70 7.21
N GLY A 14 -16.62 -34.65 7.99
CA GLY A 14 -16.19 -34.53 9.38
C GLY A 14 -16.68 -35.65 10.28
N VAL A 15 -17.92 -36.15 10.02
CA VAL A 15 -18.55 -37.25 10.76
C VAL A 15 -17.81 -38.56 10.50
N GLU A 16 -17.59 -38.89 9.21
CA GLU A 16 -16.85 -40.07 8.75
C GLU A 16 -15.43 -40.08 9.33
N ALA A 17 -14.79 -38.89 9.42
CA ALA A 17 -13.46 -38.65 9.98
C ALA A 17 -13.44 -38.98 11.46
N GLU A 18 -14.48 -38.54 12.19
CA GLU A 18 -14.62 -38.71 13.63
C GLU A 18 -14.72 -40.21 13.97
N ASN A 19 -15.61 -40.94 13.25
CA ASN A 19 -15.83 -42.37 13.39
C ASN A 19 -14.58 -43.15 13.02
N LEU A 20 -13.89 -42.76 11.92
CA LEU A 20 -12.62 -43.37 11.47
C LEU A 20 -11.58 -43.34 12.59
N LEU A 21 -11.41 -42.18 13.22
CA LEU A 21 -10.43 -42.00 14.31
C LEU A 21 -10.81 -42.71 15.62
N LEU A 22 -12.10 -42.76 15.94
CA LEU A 22 -12.55 -43.37 17.19
C LEU A 22 -12.59 -44.89 17.06
N THR A 23 -12.92 -45.41 15.86
CA THR A 23 -13.03 -46.85 15.65
C THR A 23 -11.74 -47.51 15.21
N ARG A 24 -10.92 -46.82 14.37
CA ARG A 24 -9.72 -47.41 13.79
C ARG A 24 -8.40 -46.73 14.20
N GLY A 25 -8.51 -45.63 14.95
CA GLY A 25 -7.34 -44.91 15.44
C GLY A 25 -7.16 -45.04 16.93
N VAL A 26 -6.10 -44.42 17.42
CA VAL A 26 -5.74 -44.37 18.83
C VAL A 26 -5.40 -42.92 19.17
N ASP A 27 -5.08 -42.62 20.44
CA ASP A 27 -4.66 -41.27 20.81
C ASP A 27 -3.39 -40.91 20.04
N GLY A 28 -3.42 -39.78 19.34
CA GLY A 28 -2.31 -39.40 18.49
C GLY A 28 -2.57 -39.70 17.03
N SER A 29 -3.70 -40.40 16.72
CA SER A 29 -4.06 -40.66 15.31
C SER A 29 -4.60 -39.36 14.68
N PHE A 30 -4.32 -39.17 13.39
CA PHE A 30 -4.75 -37.96 12.69
C PHE A 30 -4.93 -38.22 11.21
N LEU A 31 -5.66 -37.30 10.58
CA LEU A 31 -5.88 -37.25 9.14
C LEU A 31 -6.15 -35.78 8.74
N ALA A 32 -5.98 -35.49 7.46
CA ALA A 32 -6.26 -34.21 6.85
C ALA A 32 -7.30 -34.47 5.76
N ARG A 33 -8.19 -33.51 5.52
CA ARG A 33 -9.26 -33.64 4.52
C ARG A 33 -9.69 -32.26 3.97
N PRO A 34 -10.32 -32.19 2.78
CA PRO A 34 -10.88 -30.90 2.32
C PRO A 34 -12.08 -30.54 3.20
N SER A 35 -12.28 -29.25 3.47
CA SER A 35 -13.41 -28.77 4.27
C SER A 35 -14.71 -28.86 3.47
N LYS A 36 -15.75 -29.45 4.09
CA LYS A 36 -17.08 -29.58 3.50
C LYS A 36 -17.88 -28.30 3.79
N SER A 37 -17.74 -27.74 5.02
CA SER A 37 -18.44 -26.52 5.44
C SER A 37 -18.04 -25.29 4.61
N ASN A 38 -16.73 -25.17 4.28
CA ASN A 38 -16.19 -24.07 3.48
C ASN A 38 -15.19 -24.59 2.41
N PRO A 39 -15.64 -24.89 1.17
CA PRO A 39 -14.69 -25.38 0.14
C PRO A 39 -13.52 -24.41 -0.09
N GLY A 40 -12.30 -24.96 -0.23
CA GLY A 40 -11.07 -24.19 -0.36
C GLY A 40 -10.25 -24.29 0.92
N ASP A 41 -10.92 -24.64 2.02
CA ASP A 41 -10.27 -24.83 3.32
C ASP A 41 -10.02 -26.35 3.53
N PHE A 42 -9.27 -26.67 4.59
CA PHE A 42 -8.90 -28.03 4.96
C PHE A 42 -9.02 -28.15 6.47
N THR A 43 -9.08 -29.39 6.94
CA THR A 43 -9.20 -29.70 8.35
C THR A 43 -8.23 -30.80 8.70
N LEU A 44 -7.56 -30.58 9.81
CA LEU A 44 -6.72 -31.57 10.42
C LEU A 44 -7.58 -32.16 11.59
N SER A 45 -7.99 -33.43 11.48
CA SER A 45 -8.78 -34.11 12.54
C SER A 45 -7.84 -34.99 13.33
N VAL A 46 -7.71 -34.73 14.64
CA VAL A 46 -6.78 -35.41 15.55
C VAL A 46 -7.49 -36.04 16.73
N ARG A 47 -7.11 -37.31 17.05
CA ARG A 47 -7.62 -38.00 18.23
C ARG A 47 -6.70 -37.69 19.43
N ARG A 48 -7.29 -37.21 20.54
CA ARG A 48 -6.58 -36.86 21.78
C ARG A 48 -7.50 -37.14 22.97
N ASN A 49 -7.01 -37.94 23.95
CA ASN A 49 -7.76 -38.31 25.17
C ASN A 49 -9.17 -38.89 24.83
N GLY A 50 -9.21 -39.84 23.89
CA GLY A 50 -10.43 -40.49 23.46
C GLY A 50 -11.44 -39.62 22.71
N ALA A 51 -11.10 -38.34 22.45
CA ALA A 51 -11.97 -37.39 21.73
C ALA A 51 -11.28 -36.83 20.48
N VAL A 52 -12.07 -36.44 19.45
CA VAL A 52 -11.58 -35.91 18.17
C VAL A 52 -11.67 -34.37 18.11
N THR A 53 -10.55 -33.72 17.78
CA THR A 53 -10.40 -32.28 17.60
C THR A 53 -10.27 -32.01 16.09
N HIS A 54 -11.00 -30.98 15.60
CA HIS A 54 -10.97 -30.56 14.20
C HIS A 54 -10.32 -29.19 14.14
N ILE A 55 -9.12 -29.10 13.51
CA ILE A 55 -8.33 -27.88 13.38
C ILE A 55 -8.42 -27.33 11.95
N LYS A 56 -8.82 -26.07 11.80
CA LYS A 56 -8.98 -25.43 10.50
C LYS A 56 -7.65 -25.07 9.88
N ILE A 57 -7.50 -25.33 8.58
CA ILE A 57 -6.35 -24.95 7.76
C ILE A 57 -6.94 -24.11 6.65
N GLN A 58 -6.52 -22.85 6.59
CA GLN A 58 -6.99 -21.92 5.58
C GLN A 58 -5.92 -21.71 4.50
N ASN A 59 -6.34 -21.59 3.25
CA ASN A 59 -5.47 -21.23 2.13
C ASN A 59 -6.25 -20.40 1.12
N THR A 60 -5.98 -19.08 1.11
CA THR A 60 -6.63 -18.15 0.17
C THR A 60 -5.77 -17.89 -1.07
N GLY A 61 -4.59 -18.51 -1.11
CA GLY A 61 -3.66 -18.41 -2.24
C GLY A 61 -2.21 -18.12 -1.90
N ASP A 62 -1.90 -17.79 -0.64
CA ASP A 62 -0.53 -17.45 -0.26
C ASP A 62 0.23 -18.57 0.51
N TYR A 63 -0.48 -19.38 1.32
CA TYR A 63 0.11 -20.42 2.20
C TYR A 63 -0.99 -21.13 2.95
N TYR A 64 -0.65 -22.27 3.55
CA TYR A 64 -1.57 -23.03 4.43
C TYR A 64 -1.42 -22.43 5.81
N ASP A 65 -2.51 -21.93 6.36
CA ASP A 65 -2.50 -21.29 7.66
C ASP A 65 -3.29 -22.18 8.64
N LEU A 66 -2.55 -22.83 9.55
CA LEU A 66 -3.08 -23.76 10.55
C LEU A 66 -3.51 -23.02 11.81
N TYR A 67 -4.77 -23.21 12.25
CA TYR A 67 -5.24 -22.58 13.51
C TYR A 67 -4.44 -23.12 14.71
N GLY A 68 -3.88 -22.22 15.51
CA GLY A 68 -3.08 -22.59 16.69
C GLY A 68 -1.74 -23.21 16.30
N GLY A 69 -1.37 -22.98 15.04
CA GLY A 69 -0.13 -23.46 14.45
C GLY A 69 0.54 -22.41 13.62
N GLU A 70 1.37 -22.86 12.69
CA GLU A 70 2.14 -21.96 11.83
C GLU A 70 1.64 -21.93 10.37
N LYS A 71 2.40 -21.24 9.50
CA LYS A 71 2.11 -21.10 8.06
C LYS A 71 3.07 -21.98 7.27
N PHE A 72 2.55 -22.77 6.31
CA PHE A 72 3.33 -23.77 5.56
C PHE A 72 3.15 -23.69 4.07
N ALA A 73 4.16 -24.16 3.30
CA ALA A 73 4.09 -24.13 1.84
C ALA A 73 3.24 -25.26 1.28
N THR A 74 3.22 -26.44 1.98
CA THR A 74 2.41 -27.61 1.57
C THR A 74 1.88 -28.33 2.80
N LEU A 75 0.79 -29.12 2.64
CA LEU A 75 0.25 -29.96 3.74
C LEU A 75 1.26 -31.03 4.22
N ALA A 76 2.10 -31.57 3.30
CA ALA A 76 3.15 -32.54 3.61
C ALA A 76 4.25 -31.89 4.50
N GLU A 77 4.65 -30.62 4.21
CA GLU A 77 5.65 -29.87 5.02
C GLU A 77 5.07 -29.59 6.42
N LEU A 78 3.77 -29.27 6.48
CA LEU A 78 3.02 -29.05 7.69
C LEU A 78 3.08 -30.33 8.56
N VAL A 79 2.65 -31.49 7.99
CA VAL A 79 2.61 -32.80 8.67
C VAL A 79 4.00 -33.22 9.12
N GLN A 80 5.01 -33.11 8.25
CA GLN A 80 6.38 -33.43 8.60
C GLN A 80 6.89 -32.58 9.80
N TYR A 81 6.57 -31.27 9.82
CA TYR A 81 6.99 -30.36 10.87
C TYR A 81 6.45 -30.78 12.24
N TYR A 82 5.13 -31.06 12.35
CA TYR A 82 4.54 -31.45 13.62
C TYR A 82 4.87 -32.87 14.02
N MET A 83 5.15 -33.75 13.05
CA MET A 83 5.55 -35.12 13.36
C MET A 83 7.01 -35.18 13.82
N GLU A 84 7.81 -34.11 13.55
CA GLU A 84 9.23 -34.02 13.91
C GLU A 84 9.53 -32.92 14.96
N HIS A 85 8.52 -32.09 15.35
CA HIS A 85 8.64 -31.00 16.34
C HIS A 85 7.43 -31.00 17.32
N HIS A 86 7.49 -31.84 18.37
CA HIS A 86 6.42 -31.97 19.38
C HIS A 86 6.32 -30.75 20.32
N GLY A 87 5.12 -30.56 20.88
CA GLY A 87 4.81 -29.46 21.78
C GLY A 87 4.48 -28.15 21.08
N GLN A 88 4.56 -28.15 19.74
CA GLN A 88 4.31 -27.00 18.87
C GLN A 88 2.85 -26.74 18.54
N LEU A 89 2.04 -27.81 18.34
CA LEU A 89 0.63 -27.65 17.99
C LEU A 89 -0.23 -27.51 19.24
N LYS A 90 -0.88 -26.34 19.37
CA LYS A 90 -1.66 -26.01 20.55
C LYS A 90 -3.13 -25.73 20.29
N GLU A 91 -3.96 -26.25 21.21
CA GLU A 91 -5.42 -26.18 21.28
C GLU A 91 -5.85 -24.74 21.52
N ASN A 93 -7.19 -23.36 24.54
CA ASN A 93 -6.85 -23.35 25.97
C ASN A 93 -5.35 -23.47 26.26
N GLY A 94 -4.57 -23.88 25.25
CA GLY A 94 -3.12 -24.03 25.36
C GLY A 94 -2.61 -25.46 25.44
N ASP A 95 -3.53 -26.44 25.48
CA ASP A 95 -3.20 -27.87 25.52
C ASP A 95 -2.43 -28.28 24.26
N VAL A 96 -1.46 -29.19 24.42
CA VAL A 96 -0.63 -29.63 23.28
C VAL A 96 -1.27 -30.83 22.57
N ILE A 97 -1.43 -30.70 21.24
CA ILE A 97 -1.99 -31.70 20.34
C ILE A 97 -0.79 -32.39 19.65
N GLU A 98 -0.76 -33.73 19.74
CA GLU A 98 0.32 -34.50 19.14
C GLU A 98 -0.16 -35.27 17.89
N LEU A 99 0.60 -35.16 16.80
CA LEU A 99 0.36 -35.88 15.55
C LEU A 99 1.33 -37.07 15.60
N LYS A 100 0.83 -38.25 15.99
CA LYS A 100 1.66 -39.45 16.14
C LYS A 100 1.46 -40.44 15.04
N TYR A 101 0.20 -40.83 14.78
CA TYR A 101 -0.13 -41.88 13.83
C TYR A 101 -0.99 -41.44 12.69
N PRO A 102 -0.41 -41.36 11.47
CA PRO A 102 -1.25 -41.01 10.32
C PRO A 102 -2.30 -42.11 10.09
N LEU A 103 -3.55 -41.72 9.95
CA LEU A 103 -4.59 -42.69 9.68
C LEU A 103 -4.68 -42.75 8.18
N ASN A 104 -4.30 -43.90 7.61
CA ASN A 104 -4.21 -44.08 6.16
C ASN A 104 -5.54 -44.26 5.45
N CYS A 105 -5.60 -43.64 4.28
CA CYS A 105 -6.73 -43.59 3.37
C CYS A 105 -6.63 -44.73 2.35
N ALA A 106 -7.72 -45.46 2.13
CA ALA A 106 -7.78 -46.57 1.18
C ALA A 106 -8.36 -46.14 -0.17
N ASP A 107 -8.91 -44.91 -0.24
CA ASP A 107 -9.54 -44.31 -1.41
C ASP A 107 -8.53 -44.10 -2.56
N PRO A 108 -8.77 -44.70 -3.75
CA PRO A 108 -7.82 -44.53 -4.87
C PRO A 108 -8.06 -43.27 -5.74
N THR A 109 -9.14 -42.48 -5.45
CA THR A 109 -9.54 -41.30 -6.25
C THR A 109 -8.39 -40.33 -6.65
N SER A 110 -7.35 -40.11 -5.82
CA SER A 110 -6.27 -39.16 -6.14
C SER A 110 -4.98 -39.81 -6.65
N GLU A 111 -5.05 -41.10 -7.00
CA GLU A 111 -3.94 -41.82 -7.58
C GLU A 111 -3.83 -41.45 -9.04
N ARG A 112 -2.59 -41.20 -9.53
CA ARG A 112 -2.35 -40.84 -10.92
C ARG A 112 -2.85 -41.93 -11.89
N TRP A 113 -2.76 -43.20 -11.46
CA TRP A 113 -3.13 -44.36 -12.29
C TRP A 113 -4.63 -44.75 -12.23
N PHE A 114 -5.40 -44.13 -11.32
CA PHE A 114 -6.81 -44.50 -11.15
C PHE A 114 -7.74 -43.68 -12.03
N HIS A 115 -8.59 -44.36 -12.85
CA HIS A 115 -9.52 -43.66 -13.75
C HIS A 115 -11.03 -43.93 -13.51
N GLY A 116 -11.38 -44.57 -12.40
CA GLY A 116 -12.76 -44.84 -12.01
C GLY A 116 -13.64 -45.38 -13.12
N HIS A 117 -14.77 -44.67 -13.38
CA HIS A 117 -15.69 -45.06 -14.45
C HIS A 117 -15.15 -44.65 -15.82
N LEU A 118 -14.39 -45.56 -16.42
CA LEU A 118 -13.78 -45.44 -17.73
C LEU A 118 -13.97 -46.80 -18.37
N SER A 119 -14.44 -46.83 -19.62
CA SER A 119 -14.72 -48.07 -20.35
C SER A 119 -13.43 -48.72 -20.86
N GLY A 120 -13.49 -50.04 -21.06
CA GLY A 120 -12.39 -50.86 -21.54
C GLY A 120 -11.87 -50.48 -22.92
N LYS A 121 -12.78 -49.92 -23.77
CA LYS A 121 -12.48 -49.46 -25.13
C LYS A 121 -11.74 -48.12 -25.08
N GLU A 122 -12.21 -47.17 -24.23
CA GLU A 122 -11.57 -45.86 -24.01
C GLU A 122 -10.15 -46.08 -23.46
N ALA A 123 -10.01 -46.98 -22.46
CA ALA A 123 -8.73 -47.35 -21.84
C ALA A 123 -7.77 -47.96 -22.87
N GLU A 124 -8.27 -48.87 -23.73
CA GLU A 124 -7.41 -49.45 -24.78
C GLU A 124 -7.01 -48.40 -25.84
N LYS A 125 -7.91 -47.44 -26.12
CA LYS A 125 -7.62 -46.34 -27.07
C LYS A 125 -6.52 -45.42 -26.50
N LEU A 126 -6.62 -45.05 -25.19
CA LEU A 126 -5.66 -44.19 -24.50
C LEU A 126 -4.29 -44.82 -24.41
N LEU A 127 -4.24 -46.12 -24.09
CA LEU A 127 -2.99 -46.86 -24.01
C LEU A 127 -2.34 -47.03 -25.36
N THR A 128 -3.13 -47.16 -26.43
CA THR A 128 -2.58 -47.32 -27.79
C THR A 128 -2.00 -45.99 -28.30
N GLU A 129 -2.79 -44.90 -28.19
CA GLU A 129 -2.36 -43.55 -28.65
C GLU A 129 -1.30 -42.88 -27.77
N LYS A 130 -1.52 -42.83 -26.44
CA LYS A 130 -0.61 -42.15 -25.50
C LYS A 130 0.38 -43.03 -24.73
N GLY A 131 0.20 -44.35 -24.77
CA GLY A 131 1.03 -45.25 -24.00
C GLY A 131 2.42 -45.55 -24.54
N LYS A 132 3.28 -46.05 -23.64
CA LYS A 132 4.63 -46.52 -23.92
C LYS A 132 4.86 -47.78 -23.06
N HIS A 133 6.05 -48.42 -23.16
CA HIS A 133 6.33 -49.62 -22.37
C HIS A 133 6.19 -49.37 -20.87
N GLY A 134 5.33 -50.17 -20.23
CA GLY A 134 5.09 -50.08 -18.80
C GLY A 134 4.06 -49.06 -18.36
N SER A 135 3.35 -48.44 -19.33
CA SER A 135 2.28 -47.49 -19.01
C SER A 135 1.09 -48.28 -18.54
N PHE A 136 0.49 -47.85 -17.41
CA PHE A 136 -0.61 -48.57 -16.82
C PHE A 136 -1.69 -47.67 -16.25
N LEU A 137 -2.88 -48.24 -16.08
CA LEU A 137 -4.04 -47.59 -15.49
C LEU A 137 -4.92 -48.64 -14.81
N VAL A 138 -5.76 -48.19 -13.86
CA VAL A 138 -6.73 -49.00 -13.14
C VAL A 138 -8.08 -48.32 -13.34
N ARG A 139 -9.09 -49.10 -13.78
CA ARG A 139 -10.45 -48.62 -14.01
C ARG A 139 -11.46 -49.54 -13.32
N GLU A 140 -12.70 -49.06 -13.13
CA GLU A 140 -13.79 -49.85 -12.56
C GLU A 140 -14.32 -50.78 -13.63
N SER A 141 -14.56 -52.06 -13.28
CA SER A 141 -15.15 -53.05 -14.19
C SER A 141 -16.66 -52.72 -14.34
N GLN A 142 -17.17 -52.74 -15.59
CA GLN A 142 -18.58 -52.46 -15.87
C GLN A 142 -19.46 -53.71 -15.86
N SER A 143 -18.92 -54.85 -16.36
CA SER A 143 -19.61 -56.14 -16.42
C SER A 143 -19.82 -56.70 -15.00
N HIS A 144 -18.74 -56.78 -14.19
CA HIS A 144 -18.81 -57.25 -12.80
C HIS A 144 -18.66 -56.02 -11.89
N PRO A 145 -19.77 -55.41 -11.41
CA PRO A 145 -19.65 -54.22 -10.55
C PRO A 145 -18.95 -54.49 -9.22
N GLY A 146 -18.14 -53.52 -8.79
CA GLY A 146 -17.35 -53.61 -7.57
C GLY A 146 -15.95 -54.10 -7.83
N ASP A 147 -15.72 -54.76 -9.00
CA ASP A 147 -14.43 -55.26 -9.45
C ASP A 147 -13.67 -54.21 -10.27
N PHE A 148 -12.36 -54.42 -10.50
CA PHE A 148 -11.51 -53.46 -11.21
C PHE A 148 -10.68 -54.11 -12.30
N VAL A 149 -10.13 -53.31 -13.22
CA VAL A 149 -9.30 -53.82 -14.32
C VAL A 149 -7.96 -53.08 -14.37
N LEU A 150 -6.85 -53.81 -14.30
CA LEU A 150 -5.52 -53.22 -14.44
C LEU A 150 -5.06 -53.42 -15.88
N SER A 151 -4.88 -52.33 -16.62
CA SER A 151 -4.43 -52.41 -18.01
C SER A 151 -3.00 -51.92 -18.17
N VAL A 152 -2.14 -52.75 -18.77
CA VAL A 152 -0.72 -52.46 -18.95
C VAL A 152 -0.30 -52.60 -20.39
N ARG A 153 0.48 -51.65 -20.88
CA ARG A 153 1.06 -51.74 -22.20
C ARG A 153 2.52 -52.19 -22.02
N THR A 154 2.99 -53.11 -22.89
CA THR A 154 4.38 -53.60 -22.92
C THR A 154 4.86 -53.66 -24.37
N GLY A 155 6.15 -53.41 -24.60
CA GLY A 155 6.70 -53.47 -25.95
C GLY A 155 7.94 -52.65 -26.22
N ASP A 156 8.01 -52.03 -27.42
CA ASP A 156 9.13 -51.20 -27.86
C ASP A 156 8.69 -49.86 -28.46
N ASN A 162 1.74 -50.11 -34.75
CA ASN A 162 0.77 -50.96 -35.44
C ASN A 162 1.43 -52.18 -36.15
N ASP A 163 2.56 -52.68 -35.60
CA ASP A 163 3.32 -53.82 -36.14
C ASP A 163 3.44 -55.02 -35.17
N GLY A 164 2.66 -55.00 -34.09
CA GLY A 164 2.61 -56.04 -33.06
C GLY A 164 3.81 -56.17 -32.14
N LYS A 165 4.73 -55.18 -32.16
CA LYS A 165 5.93 -55.15 -31.32
C LYS A 165 5.58 -54.76 -29.88
N SER A 166 4.37 -54.22 -29.68
CA SER A 166 3.82 -53.80 -28.41
C SER A 166 2.40 -54.38 -28.26
N LYS A 167 1.91 -54.46 -27.02
CA LYS A 167 0.57 -54.98 -26.71
C LYS A 167 0.02 -54.42 -25.41
N VAL A 168 -1.29 -54.57 -25.19
CA VAL A 168 -1.98 -54.21 -23.96
C VAL A 168 -2.48 -55.51 -23.31
N THR A 169 -2.26 -55.66 -22.00
CA THR A 169 -2.71 -56.80 -21.19
C THR A 169 -3.62 -56.25 -20.12
N HIS A 170 -4.76 -56.92 -19.92
CA HIS A 170 -5.78 -56.61 -18.94
C HIS A 170 -5.76 -57.66 -17.84
N VAL A 171 -5.71 -57.21 -16.57
CA VAL A 171 -5.63 -58.08 -15.41
C VAL A 171 -6.85 -57.77 -14.59
N MET A 172 -7.65 -58.78 -14.29
CA MET A 172 -8.84 -58.59 -13.48
C MET A 172 -8.50 -58.46 -12.00
N ILE A 173 -9.13 -57.48 -11.32
CA ILE A 173 -8.96 -57.21 -9.90
C ILE A 173 -10.27 -57.45 -9.22
N ARG A 174 -10.32 -58.54 -8.46
CA ARG A 174 -11.50 -58.94 -7.71
C ARG A 174 -11.54 -58.22 -6.38
N CYS A 175 -12.75 -57.85 -5.97
CA CYS A 175 -12.98 -57.24 -4.67
C CYS A 175 -13.83 -58.26 -3.92
N GLN A 176 -13.17 -59.06 -3.09
CA GLN A 176 -13.81 -60.14 -2.33
C GLN A 176 -13.73 -59.80 -0.85
N GLU A 177 -14.90 -59.60 -0.22
CA GLU A 177 -15.06 -59.32 1.21
C GLU A 177 -14.15 -58.20 1.71
N LEU A 178 -14.17 -57.04 1.00
CA LEU A 178 -13.44 -55.81 1.31
C LEU A 178 -11.93 -55.85 1.02
N LYS A 179 -11.45 -56.89 0.31
CA LYS A 179 -10.04 -56.97 -0.06
C LYS A 179 -9.86 -57.12 -1.55
N TYR A 180 -8.66 -56.80 -2.06
CA TYR A 180 -8.35 -56.83 -3.49
C TYR A 180 -7.28 -57.84 -3.84
N ASP A 181 -7.52 -58.59 -4.93
CA ASP A 181 -6.58 -59.60 -5.43
C ASP A 181 -6.63 -59.72 -6.95
N VAL A 182 -5.54 -60.23 -7.55
CA VAL A 182 -5.44 -60.48 -8.99
C VAL A 182 -5.75 -61.98 -9.34
N GLY A 183 -6.62 -62.62 -8.54
CA GLY A 183 -7.03 -64.01 -8.76
C GLY A 183 -6.28 -65.08 -7.97
N GLY A 184 -5.18 -64.69 -7.33
CA GLY A 184 -4.35 -65.59 -6.52
C GLY A 184 -3.29 -64.82 -5.74
N GLY A 185 -2.70 -65.49 -4.73
CA GLY A 185 -1.68 -64.90 -3.88
C GLY A 185 -2.23 -64.01 -2.79
N GLU A 186 -1.59 -62.84 -2.61
CA GLU A 186 -1.95 -61.89 -1.55
C GLU A 186 -3.27 -61.16 -1.80
N ARG A 187 -3.95 -60.81 -0.70
CA ARG A 187 -5.19 -60.07 -0.67
C ARG A 187 -4.89 -58.75 0.03
N PHE A 188 -5.13 -57.62 -0.67
CA PHE A 188 -4.79 -56.26 -0.26
C PHE A 188 -5.95 -55.45 0.30
N ASP A 189 -5.65 -54.59 1.29
CA ASP A 189 -6.63 -53.70 1.94
C ASP A 189 -7.12 -52.55 1.05
N SER A 190 -6.36 -52.20 0.01
CA SER A 190 -6.70 -51.12 -0.93
C SER A 190 -6.05 -51.38 -2.31
N LEU A 191 -6.57 -50.68 -3.36
CA LEU A 191 -6.01 -50.79 -4.70
C LEU A 191 -4.56 -50.30 -4.73
N THR A 192 -4.24 -49.27 -3.88
CA THR A 192 -2.90 -48.69 -3.76
C THR A 192 -1.92 -49.75 -3.30
N ASP A 193 -2.25 -50.51 -2.22
CA ASP A 193 -1.38 -51.59 -1.71
C ASP A 193 -1.15 -52.65 -2.78
N LEU A 194 -2.21 -53.00 -3.54
CA LEU A 194 -2.12 -53.93 -4.66
C LEU A 194 -1.17 -53.42 -5.75
N VAL A 195 -1.37 -52.16 -6.21
CA VAL A 195 -0.54 -51.54 -7.26
C VAL A 195 0.94 -51.47 -6.80
N GLU A 196 1.19 -50.99 -5.55
CA GLU A 196 2.54 -50.88 -4.96
C GLU A 196 3.26 -52.23 -4.94
N HIS A 197 2.53 -53.29 -4.52
CA HIS A 197 3.05 -54.66 -4.49
C HIS A 197 3.47 -55.15 -5.88
N TYR A 198 2.56 -55.05 -6.87
CA TYR A 198 2.84 -55.51 -8.22
C TYR A 198 3.80 -54.57 -9.00
N LYS A 199 4.11 -53.38 -8.45
CA LYS A 199 5.10 -52.46 -9.02
C LYS A 199 6.51 -53.03 -8.67
N LYS A 200 6.70 -53.41 -7.38
CA LYS A 200 7.93 -54.01 -6.83
C LYS A 200 8.11 -55.45 -7.33
N ASN A 201 7.04 -56.26 -7.24
CA ASN A 201 7.00 -57.68 -7.63
C ASN A 201 6.10 -57.85 -8.87
N PRO A 202 6.63 -57.67 -10.10
CA PRO A 202 5.76 -57.77 -11.28
C PRO A 202 5.26 -59.17 -11.63
N MET A 203 3.99 -59.25 -12.07
CA MET A 203 3.36 -60.47 -12.54
C MET A 203 4.08 -60.88 -13.83
N VAL A 204 4.47 -62.15 -13.92
CA VAL A 204 5.14 -62.68 -15.10
C VAL A 204 4.16 -63.57 -15.85
N GLU A 205 3.94 -63.29 -17.13
CA GLU A 205 3.02 -64.07 -17.96
C GLU A 205 3.66 -65.42 -18.25
N THR A 206 2.80 -66.44 -18.46
CA THR A 206 3.15 -67.83 -18.74
C THR A 206 4.31 -67.98 -19.76
N LEU A 207 4.27 -67.22 -20.88
CA LEU A 207 5.32 -67.32 -21.89
C LEU A 207 6.49 -66.32 -21.71
N GLY A 208 6.52 -65.65 -20.56
CA GLY A 208 7.64 -64.78 -20.20
C GLY A 208 7.47 -63.27 -20.10
N THR A 209 6.37 -62.70 -20.64
CA THR A 209 6.17 -61.24 -20.60
C THR A 209 6.04 -60.72 -19.16
N VAL A 210 6.99 -59.84 -18.77
CA VAL A 210 7.00 -59.21 -17.44
C VAL A 210 6.04 -58.00 -17.49
N LEU A 211 4.97 -58.02 -16.69
CA LEU A 211 3.97 -56.94 -16.66
C LEU A 211 4.44 -55.78 -15.75
N GLN A 212 5.41 -55.04 -16.26
CA GLN A 212 6.04 -53.91 -15.59
C GLN A 212 5.07 -52.73 -15.45
N LEU A 213 4.84 -52.30 -14.20
CA LEU A 213 4.02 -51.12 -13.94
C LEU A 213 5.07 -50.04 -13.74
N LYS A 214 5.56 -49.47 -14.86
CA LYS A 214 6.65 -48.50 -14.89
C LYS A 214 6.18 -47.08 -14.56
N GLN A 215 5.16 -46.60 -15.29
CA GLN A 215 4.63 -45.26 -15.07
C GLN A 215 3.13 -45.16 -15.35
N PRO A 216 2.37 -44.39 -14.53
CA PRO A 216 0.93 -44.21 -14.82
C PRO A 216 0.75 -43.59 -16.19
N LEU A 217 -0.32 -43.97 -16.91
CA LEU A 217 -0.58 -43.42 -18.26
C LEU A 217 -0.84 -41.91 -18.17
N ASN A 218 -0.18 -41.12 -19.02
CA ASN A 218 -0.40 -39.68 -19.03
C ASN A 218 -1.71 -39.37 -19.73
N THR A 219 -2.64 -38.69 -19.04
CA THR A 219 -3.94 -38.29 -19.61
C THR A 219 -4.14 -36.77 -19.50
N THR A 220 -3.11 -36.05 -18.99
CA THR A 220 -3.20 -34.59 -18.78
C THR A 220 -2.52 -33.79 -19.88
N ARG A 221 -1.51 -34.37 -20.55
CA ARG A 221 -0.86 -33.74 -21.68
C ARG A 221 -1.90 -33.55 -22.81
N ILE A 222 -2.08 -32.30 -23.23
CA ILE A 222 -2.99 -31.92 -24.31
C ILE A 222 -2.26 -31.14 -25.37
N ASN A 223 -2.81 -31.16 -26.59
CA ASN A 223 -2.34 -30.31 -27.67
C ASN A 223 -2.95 -28.91 -27.34
N ALA A 224 -2.13 -27.83 -27.38
CA ALA A 224 -2.58 -26.46 -27.03
C ALA A 224 -3.87 -26.01 -27.72
N ALA A 225 -4.02 -26.31 -29.04
CA ALA A 225 -5.20 -25.98 -29.83
C ALA A 225 -6.49 -26.54 -29.25
N GLU A 226 -6.41 -27.67 -28.53
CA GLU A 226 -7.60 -28.30 -27.92
C GLU A 226 -7.86 -27.91 -26.44
N ILE A 227 -7.22 -26.82 -25.92
CA ILE A 227 -7.40 -26.36 -24.53
C ILE A 227 -8.88 -26.18 -24.13
N GLU A 228 -9.66 -25.42 -24.94
CA GLU A 228 -11.09 -25.17 -24.71
C GLU A 228 -11.87 -26.46 -24.47
N SER A 229 -11.57 -27.50 -25.27
CA SER A 229 -12.17 -28.82 -25.15
C SER A 229 -11.84 -29.44 -23.78
N ARG A 230 -10.56 -29.42 -23.36
CA ARG A 230 -10.12 -29.94 -22.05
C ARG A 230 -10.75 -29.13 -20.88
N VAL A 231 -10.80 -27.79 -21.00
CA VAL A 231 -11.37 -26.90 -19.99
C VAL A 231 -12.87 -27.24 -19.79
N ARG A 232 -13.58 -27.48 -20.90
CA ARG A 232 -14.99 -27.89 -20.90
C ARG A 232 -15.13 -29.22 -20.13
N GLU A 233 -14.27 -30.23 -20.44
CA GLU A 233 -14.28 -31.54 -19.75
C GLU A 233 -13.97 -31.37 -18.26
N LEU A 234 -12.96 -30.51 -17.92
CA LEU A 234 -12.57 -30.24 -16.52
C LEU A 234 -13.63 -29.51 -15.71
N SER A 235 -14.55 -28.78 -16.37
CA SER A 235 -15.63 -28.02 -15.71
C SER A 235 -16.82 -28.92 -15.34
N LYS A 236 -16.91 -30.11 -15.95
CA LYS A 236 -17.95 -31.09 -15.62
C LYS A 236 -17.61 -31.72 -14.26
N LEU A 237 -18.65 -32.09 -13.48
CA LEU A 237 -18.55 -32.73 -12.16
C LEU A 237 -17.88 -34.10 -12.24
N GLN A 246 -15.78 -30.98 -9.48
CA GLN A 246 -15.40 -30.87 -10.90
C GLN A 246 -14.06 -31.58 -11.22
N GLY A 247 -13.84 -31.84 -12.52
CA GLY A 247 -12.64 -32.45 -13.08
C GLY A 247 -11.37 -31.74 -12.65
N PHE A 248 -11.44 -30.38 -12.53
CA PHE A 248 -10.31 -29.54 -12.08
C PHE A 248 -9.85 -29.94 -10.71
N TRP A 249 -10.80 -30.12 -9.76
CA TRP A 249 -10.53 -30.53 -8.39
C TRP A 249 -9.84 -31.92 -8.35
N GLU A 250 -10.36 -32.92 -9.14
CA GLU A 250 -9.77 -34.27 -9.19
C GLU A 250 -8.33 -34.21 -9.68
N GLU A 251 -8.08 -33.49 -10.77
CA GLU A 251 -6.73 -33.36 -11.32
C GLU A 251 -5.79 -32.63 -10.33
N PHE A 252 -6.26 -31.50 -9.71
CA PHE A 252 -5.44 -30.72 -8.76
C PHE A 252 -5.02 -31.55 -7.55
N GLU A 253 -5.97 -32.29 -6.98
CA GLU A 253 -5.78 -33.17 -5.83
C GLU A 253 -4.89 -34.37 -6.15
N THR A 254 -4.89 -34.80 -7.41
CA THR A 254 -4.02 -35.89 -7.83
C THR A 254 -2.57 -35.35 -7.87
N LEU A 255 -2.38 -34.08 -8.33
CA LEU A 255 -1.07 -33.38 -8.33
C LEU A 255 -0.65 -33.12 -6.86
N GLN A 256 -1.62 -32.76 -6.00
CA GLN A 256 -1.31 -32.49 -4.59
C GLN A 256 -0.72 -33.74 -3.89
N GLN A 257 -1.30 -34.94 -4.19
CA GLN A 257 -0.84 -36.22 -3.68
C GLN A 257 0.66 -36.45 -4.00
N GLN A 258 1.18 -35.90 -5.12
CA GLN A 258 2.59 -36.03 -5.50
C GLN A 258 3.58 -35.13 -4.73
N GLU A 259 3.06 -34.24 -3.89
CA GLU A 259 3.92 -33.29 -3.16
C GLU A 259 4.85 -33.95 -2.12
N CYS A 260 4.51 -35.17 -1.64
CA CYS A 260 5.29 -35.97 -0.69
CA CYS A 260 5.35 -35.85 -0.66
C CYS A 260 6.68 -36.32 -1.26
N LYS A 261 6.81 -36.30 -2.60
CA LYS A 261 8.07 -36.62 -3.32
C LYS A 261 9.01 -35.40 -3.36
N LEU A 262 8.54 -34.26 -2.87
CA LEU A 262 9.25 -32.99 -2.94
C LEU A 262 9.68 -32.45 -1.57
N LEU A 263 9.88 -33.32 -0.59
CA LEU A 263 10.33 -32.87 0.73
C LEU A 263 11.87 -32.78 0.78
N TYR A 264 12.43 -31.90 -0.07
CA TYR A 264 13.89 -31.68 -0.16
C TYR A 264 14.43 -30.88 1.01
N SER A 265 15.78 -30.98 1.28
CA SER A 265 16.33 -30.28 2.44
C SER A 265 16.24 -28.77 2.30
N ARG A 266 15.90 -28.10 3.41
CA ARG A 266 15.76 -26.64 3.52
CA ARG A 266 15.80 -26.63 3.52
C ARG A 266 16.59 -26.20 4.78
N LYS A 267 17.77 -26.82 4.96
CA LYS A 267 18.67 -26.62 6.10
C LYS A 267 19.21 -25.20 6.27
N GLU A 268 19.72 -24.58 5.19
CA GLU A 268 20.31 -23.24 5.24
C GLU A 268 19.34 -22.19 5.78
N GLY A 269 18.08 -22.29 5.39
CA GLY A 269 17.03 -21.41 5.87
C GLY A 269 16.63 -21.59 7.33
N GLN A 270 17.03 -22.71 7.95
CA GLN A 270 16.74 -23.04 9.36
C GLN A 270 17.88 -22.62 10.29
N ARG A 271 19.05 -22.27 9.75
CA ARG A 271 20.20 -21.83 10.55
C ARG A 271 19.83 -20.61 11.39
N GLN A 272 20.35 -20.57 12.63
CA GLN A 272 20.04 -19.49 13.56
C GLN A 272 20.17 -18.10 12.94
N GLU A 273 21.29 -17.83 12.25
CA GLU A 273 21.56 -16.53 11.65
C GLU A 273 20.65 -16.20 10.43
N ASN A 274 19.98 -17.21 9.83
CA ASN A 274 19.09 -16.99 8.68
C ASN A 274 17.62 -16.94 9.07
N LYS A 275 17.30 -17.24 10.35
CA LYS A 275 15.89 -17.28 10.79
C LYS A 275 15.12 -15.98 10.57
N ASN A 276 15.70 -14.84 10.94
CA ASN A 276 15.05 -13.55 10.79
C ASN A 276 14.98 -13.05 9.34
N LYS A 277 15.65 -13.74 8.39
CA LYS A 277 15.66 -13.39 6.95
C LYS A 277 14.45 -14.01 6.23
N ASN A 278 13.59 -14.73 7.01
CA ASN A 278 12.41 -15.38 6.45
C ASN A 278 11.15 -14.69 6.91
N ARG A 279 10.24 -14.40 5.96
CA ARG A 279 8.97 -13.76 6.25
C ARG A 279 8.11 -14.74 7.06
N TYR A 280 8.18 -16.02 6.66
CA TYR A 280 7.49 -17.10 7.36
C TYR A 280 8.54 -18.13 7.72
N LYS A 281 8.67 -18.42 9.02
CA LYS A 281 9.68 -19.33 9.59
C LYS A 281 9.77 -20.70 8.93
N ASN A 282 8.64 -21.29 8.52
CA ASN A 282 8.55 -22.62 7.93
C ASN A 282 8.43 -22.62 6.39
N ILE A 283 8.42 -21.45 5.74
CA ILE A 283 8.36 -21.38 4.28
C ILE A 283 9.76 -20.98 3.86
N LEU A 284 10.54 -22.00 3.42
CA LEU A 284 11.95 -21.94 3.18
C LEU A 284 12.36 -22.37 1.80
N PRO A 285 13.51 -21.82 1.30
CA PRO A 285 14.01 -22.23 -0.01
C PRO A 285 14.72 -23.60 0.03
N PHE A 286 14.52 -24.44 -1.00
CA PHE A 286 15.26 -25.72 -1.05
C PHE A 286 16.73 -25.39 -1.15
N ASP A 287 17.58 -26.13 -0.43
CA ASP A 287 19.04 -25.92 -0.47
C ASP A 287 19.63 -26.11 -1.88
N HIS A 288 19.08 -27.08 -2.65
CA HIS A 288 19.68 -27.41 -3.94
C HIS A 288 19.42 -26.37 -5.06
N THR A 289 18.42 -25.47 -4.91
CA THR A 289 18.15 -24.40 -5.89
C THR A 289 18.20 -22.97 -5.30
N ARG A 290 18.53 -22.82 -4.01
CA ARG A 290 18.51 -21.49 -3.41
C ARG A 290 19.49 -20.54 -4.09
N VAL A 291 19.18 -19.24 -4.04
CA VAL A 291 20.12 -18.29 -4.63
C VAL A 291 21.21 -18.05 -3.56
N VAL A 292 22.46 -18.38 -3.90
CA VAL A 292 23.59 -18.18 -2.98
C VAL A 292 24.23 -16.81 -3.27
N LEU A 293 24.29 -15.94 -2.26
CA LEU A 293 24.82 -14.59 -2.38
C LEU A 293 26.30 -14.55 -2.12
N HIS A 294 27.04 -14.06 -3.11
CA HIS A 294 28.49 -14.04 -3.04
C HIS A 294 29.15 -12.69 -2.69
N ASP A 295 28.44 -11.55 -2.68
CA ASP A 295 29.10 -10.24 -2.35
C ASP A 295 29.95 -10.34 -1.10
N GLY A 296 29.33 -10.81 -0.03
CA GLY A 296 29.93 -11.09 1.26
C GLY A 296 30.70 -10.03 1.98
N ASP A 297 30.02 -9.30 2.88
CA ASP A 297 30.63 -8.35 3.79
C ASP A 297 31.53 -9.22 4.69
N PRO A 298 32.87 -9.02 4.65
CA PRO A 298 33.76 -9.86 5.50
C PRO A 298 33.83 -9.36 6.95
N PRO A 301 29.40 -12.80 9.05
CA PRO A 301 29.49 -14.23 9.36
C PRO A 301 28.69 -15.07 8.35
N VAL A 302 27.39 -14.79 8.19
CA VAL A 302 26.54 -15.45 7.20
C VAL A 302 25.91 -14.35 6.30
N SER A 303 26.49 -14.17 5.13
CA SER A 303 26.09 -13.16 4.18
C SER A 303 25.61 -13.77 2.85
N ASP A 304 25.48 -15.12 2.78
CA ASP A 304 25.15 -15.83 1.54
C ASP A 304 23.67 -16.21 1.36
N TYR A 305 22.83 -15.83 2.31
CA TYR A 305 21.45 -16.29 2.29
C TYR A 305 20.40 -15.24 1.94
N ILE A 306 19.40 -15.70 1.16
CA ILE A 306 18.16 -15.02 0.80
C ILE A 306 17.08 -16.08 0.58
N ASN A 307 15.84 -15.79 0.98
CA ASN A 307 14.74 -16.71 0.77
C ASN A 307 14.26 -16.51 -0.70
N ALA A 308 14.94 -17.20 -1.62
CA ALA A 308 14.75 -17.13 -3.07
C ALA A 308 15.29 -18.43 -3.67
N ASN A 309 14.70 -18.85 -4.79
CA ASN A 309 15.12 -20.01 -5.56
C ASN A 309 15.14 -19.74 -7.05
N ILE A 310 16.16 -20.27 -7.73
CA ILE A 310 16.23 -20.21 -9.19
C ILE A 310 15.17 -21.19 -9.68
N ILE A 311 14.33 -20.74 -10.62
CA ILE A 311 13.33 -21.60 -11.25
C ILE A 311 13.72 -21.74 -12.74
N MET A 312 14.08 -22.95 -13.17
CA MET A 312 14.48 -23.20 -14.56
C MET A 312 13.40 -24.00 -15.28
N PRO A 313 12.89 -23.57 -16.45
CA PRO A 313 11.90 -24.42 -17.16
C PRO A 313 12.64 -25.66 -17.68
N GLU A 314 12.04 -26.85 -17.47
CA GLU A 314 12.55 -28.19 -17.80
C GLU A 314 13.92 -28.46 -17.17
N LYS A 326 14.72 -18.95 -20.84
CA LYS A 326 14.39 -17.87 -19.89
C LYS A 326 14.13 -18.45 -18.51
N SER A 327 14.89 -17.99 -17.51
CA SER A 327 14.82 -18.41 -16.12
C SER A 327 14.11 -17.36 -15.25
N TYR A 328 13.84 -17.75 -14.02
CA TYR A 328 13.20 -16.90 -13.02
C TYR A 328 13.84 -17.09 -11.67
N ILE A 329 13.61 -16.12 -10.78
CA ILE A 329 13.94 -16.26 -9.39
C ILE A 329 12.59 -16.03 -8.68
N ALA A 330 12.15 -17.01 -7.91
CA ALA A 330 10.93 -16.88 -7.13
C ALA A 330 11.36 -16.52 -5.69
N THR A 331 10.91 -15.35 -5.23
CA THR A 331 11.34 -14.89 -3.92
C THR A 331 10.20 -14.31 -3.12
N GLN A 332 10.43 -14.16 -1.81
CA GLN A 332 9.43 -13.59 -0.93
C GLN A 332 9.47 -12.03 -1.01
N GLY A 333 8.46 -11.38 -0.47
CA GLY A 333 8.46 -9.92 -0.34
C GLY A 333 9.49 -9.55 0.71
N CYS A 334 10.34 -8.56 0.39
CA CYS A 334 11.41 -8.05 1.24
C CYS A 334 10.95 -7.76 2.63
N LEU A 335 11.84 -7.96 3.59
CA LEU A 335 11.67 -7.52 4.97
C LEU A 335 12.56 -6.30 5.08
N GLN A 336 12.39 -5.45 6.12
CA GLN A 336 13.27 -4.29 6.27
C GLN A 336 14.73 -4.72 6.34
N ASN A 337 15.02 -5.86 6.99
CA ASN A 337 16.36 -6.36 7.13
C ASN A 337 16.87 -7.22 5.95
N THR A 338 16.08 -7.38 4.86
CA THR A 338 16.54 -8.18 3.70
C THR A 338 16.63 -7.34 2.40
N VAL A 339 16.27 -6.03 2.47
CA VAL A 339 16.29 -5.10 1.31
C VAL A 339 17.67 -5.08 0.67
N ASN A 340 18.76 -4.94 1.50
CA ASN A 340 20.11 -4.93 0.94
C ASN A 340 20.45 -6.28 0.29
N ASP A 341 20.02 -7.42 0.87
CA ASP A 341 20.26 -8.76 0.29
C ASP A 341 19.52 -8.91 -1.06
N PHE A 342 18.28 -8.41 -1.14
CA PHE A 342 17.50 -8.39 -2.36
C PHE A 342 18.25 -7.67 -3.48
N TRP A 343 18.80 -6.47 -3.20
CA TRP A 343 19.55 -5.74 -4.25
C TRP A 343 20.85 -6.43 -4.64
N ARG A 344 21.54 -7.08 -3.67
CA ARG A 344 22.74 -7.86 -3.98
C ARG A 344 22.37 -9.02 -4.90
N MET A 345 21.20 -9.68 -4.65
CA MET A 345 20.73 -10.77 -5.51
C MET A 345 20.45 -10.29 -6.94
N VAL A 346 19.68 -9.18 -7.10
CA VAL A 346 19.33 -8.60 -8.40
C VAL A 346 20.62 -8.26 -9.18
N PHE A 347 21.58 -7.65 -8.47
CA PHE A 347 22.88 -7.31 -9.08
C PHE A 347 23.66 -8.54 -9.58
N GLN A 348 23.93 -9.49 -8.68
CA GLN A 348 24.68 -10.74 -8.90
C GLN A 348 24.18 -11.57 -10.09
N GLU A 349 22.87 -11.75 -10.15
CA GLU A 349 22.20 -12.54 -11.15
C GLU A 349 21.98 -11.82 -12.46
N ASN A 350 22.27 -10.51 -12.52
CA ASN A 350 22.10 -9.72 -13.71
C ASN A 350 20.64 -9.63 -14.16
N SER A 351 19.69 -9.74 -13.20
CA SER A 351 18.27 -9.58 -13.46
C SER A 351 18.00 -8.11 -13.87
N ARG A 352 17.14 -7.92 -14.87
CA ARG A 352 16.80 -6.63 -15.48
C ARG A 352 15.33 -6.37 -15.37
N VAL A 353 14.58 -7.36 -14.89
CA VAL A 353 13.13 -7.29 -14.76
C VAL A 353 12.69 -7.91 -13.42
N ILE A 354 11.86 -7.19 -12.71
CA ILE A 354 11.25 -7.62 -11.44
C ILE A 354 9.77 -7.54 -11.68
N VAL A 355 9.05 -8.56 -11.21
CA VAL A 355 7.61 -8.68 -11.24
C VAL A 355 7.15 -8.74 -9.79
N MET A 356 6.45 -7.70 -9.38
CA MET A 356 5.92 -7.67 -8.03
C MET A 356 4.44 -7.98 -8.17
N THR A 357 3.94 -8.98 -7.46
CA THR A 357 2.54 -9.39 -7.65
C THR A 357 1.64 -9.11 -6.42
N THR A 358 2.08 -8.25 -5.53
CA THR A 358 1.32 -7.89 -4.33
C THR A 358 1.40 -6.38 -4.13
N LYS A 359 0.44 -5.82 -3.37
CA LYS A 359 0.50 -4.44 -2.91
C LYS A 359 1.46 -4.52 -1.70
N GLU A 360 2.00 -3.40 -1.24
CA GLU A 360 2.88 -3.42 -0.08
C GLU A 360 2.09 -3.82 1.18
N VAL A 361 0.85 -3.36 1.25
CA VAL A 361 -0.09 -3.61 2.33
C VAL A 361 -1.36 -4.16 1.74
N GLU A 362 -1.81 -5.30 2.32
CA GLU A 362 -3.04 -5.98 2.00
C GLU A 362 -3.68 -6.35 3.32
N ARG A 363 -4.95 -5.93 3.50
CA ARG A 363 -5.74 -6.25 4.71
C ARG A 363 -5.09 -5.71 5.98
N GLY A 364 -4.39 -4.59 5.86
CA GLY A 364 -3.68 -3.95 6.96
C GLY A 364 -2.40 -4.64 7.36
N LYS A 365 -1.96 -5.62 6.55
CA LYS A 365 -0.77 -6.41 6.87
C LYS A 365 0.34 -6.13 5.88
N SER A 366 1.57 -5.93 6.36
CA SER A 366 2.70 -5.68 5.49
C SER A 366 3.06 -7.00 4.76
N LYS A 367 3.08 -6.97 3.41
CA LYS A 367 3.38 -8.12 2.52
C LYS A 367 4.77 -8.02 1.92
N CYS A 368 5.26 -6.78 1.75
CA CYS A 368 6.56 -6.46 1.15
C CYS A 368 6.91 -5.04 1.52
N VAL A 369 8.12 -4.82 1.99
CA VAL A 369 8.52 -3.44 2.29
C VAL A 369 8.88 -2.75 0.95
N LYS A 370 8.82 -1.42 0.93
CA LYS A 370 9.15 -0.64 -0.26
C LYS A 370 10.68 -0.70 -0.37
N TYR A 371 11.15 -1.46 -1.34
CA TYR A 371 12.59 -1.67 -1.51
C TYR A 371 13.14 -0.81 -2.62
N TRP A 372 12.30 0.04 -3.20
CA TRP A 372 12.66 0.97 -4.30
C TRP A 372 12.53 2.45 -3.86
N PRO A 373 13.31 3.39 -4.44
CA PRO A 373 13.17 4.80 -4.04
C PRO A 373 11.91 5.44 -4.61
N ASP A 374 11.48 6.59 -4.03
CA ASP A 374 10.39 7.38 -4.62
C ASP A 374 10.80 7.84 -6.04
N GLU A 375 9.85 8.15 -6.93
CA GLU A 375 10.19 8.63 -8.28
C GLU A 375 11.15 9.83 -8.22
N TYR A 376 12.21 9.77 -9.05
CA TYR A 376 13.31 10.76 -9.20
C TYR A 376 14.35 10.70 -8.08
N ALA A 377 14.08 9.94 -7.03
CA ALA A 377 14.95 9.82 -5.86
C ALA A 377 16.05 8.78 -6.07
N LEU A 378 17.13 8.96 -5.32
CA LEU A 378 18.30 8.10 -5.31
C LEU A 378 18.53 7.64 -3.87
N LYS A 379 18.70 6.31 -3.72
CA LYS A 379 18.92 5.68 -2.43
C LYS A 379 20.04 4.66 -2.47
N GLU A 380 20.73 4.48 -1.35
CA GLU A 380 21.76 3.47 -1.21
C GLU A 380 21.22 2.38 -0.29
N TYR A 381 21.30 1.13 -0.73
CA TYR A 381 20.87 -0.03 0.02
C TYR A 381 22.11 -0.84 0.21
N GLY A 382 22.86 -0.50 1.25
CA GLY A 382 24.15 -1.13 1.51
C GLY A 382 25.14 -0.72 0.43
N VAL A 383 25.80 -1.69 -0.23
CA VAL A 383 26.77 -1.40 -1.30
C VAL A 383 26.11 -1.11 -2.66
N MET A 384 24.79 -1.22 -2.74
CA MET A 384 24.03 -1.02 -3.98
C MET A 384 23.32 0.30 -3.97
N ARG A 385 23.31 0.96 -5.12
CA ARG A 385 22.72 2.27 -5.30
C ARG A 385 21.59 2.13 -6.32
N VAL A 386 20.43 2.67 -5.97
CA VAL A 386 19.26 2.58 -6.86
C VAL A 386 18.64 3.96 -7.15
N ARG A 387 18.48 4.31 -8.43
CA ARG A 387 17.77 5.50 -8.83
C ARG A 387 16.40 5.11 -9.44
N ASN A 388 15.31 5.75 -9.00
CA ASN A 388 14.00 5.59 -9.62
C ASN A 388 13.93 6.70 -10.69
N VAL A 389 14.13 6.34 -11.97
CA VAL A 389 14.17 7.26 -13.11
C VAL A 389 12.79 7.77 -13.47
N LYS A 390 11.79 6.87 -13.52
CA LYS A 390 10.44 7.20 -13.99
C LYS A 390 9.46 6.12 -13.61
N GLU A 391 8.25 6.54 -13.24
CA GLU A 391 7.15 5.61 -12.97
C GLU A 391 6.06 5.88 -14.02
N SER A 392 5.52 4.81 -14.61
CA SER A 392 4.44 4.85 -15.59
C SER A 392 3.26 4.02 -15.04
N ALA A 393 2.08 4.63 -14.93
CA ALA A 393 0.90 3.91 -14.42
C ALA A 393 0.00 3.44 -15.54
N ALA A 394 -0.27 2.13 -15.57
CA ALA A 394 -1.19 1.47 -16.50
C ALA A 394 -2.42 1.11 -15.64
N HIS A 395 -3.47 0.50 -16.24
CA HIS A 395 -4.68 0.21 -15.47
C HIS A 395 -4.47 -0.78 -14.30
N ASP A 396 -3.82 -1.93 -14.59
CA ASP A 396 -3.56 -3.02 -13.64
C ASP A 396 -2.21 -3.02 -12.96
N TYR A 397 -1.27 -2.19 -13.44
CA TYR A 397 0.09 -2.21 -12.93
C TYR A 397 0.81 -0.88 -13.07
N THR A 398 1.92 -0.77 -12.38
CA THR A 398 2.80 0.38 -12.47
C THR A 398 4.14 -0.16 -12.89
N LEU A 399 4.78 0.52 -13.84
CA LEU A 399 6.14 0.20 -14.22
C LEU A 399 7.07 1.25 -13.60
N ARG A 400 8.14 0.80 -12.91
CA ARG A 400 9.17 1.67 -12.36
C ARG A 400 10.48 1.39 -13.07
N GLU A 401 11.03 2.42 -13.68
CA GLU A 401 12.33 2.29 -14.37
C GLU A 401 13.40 2.65 -13.36
N LEU A 402 14.14 1.64 -12.92
CA LEU A 402 15.19 1.78 -11.92
C LEU A 402 16.59 1.68 -12.54
N LYS A 403 17.57 2.38 -11.96
CA LYS A 403 18.99 2.29 -12.34
C LYS A 403 19.69 1.75 -11.13
N LEU A 404 20.26 0.57 -11.26
CA LEU A 404 20.97 -0.10 -10.18
C LEU A 404 22.44 -0.14 -10.48
N SER A 405 23.27 0.19 -9.51
CA SER A 405 24.73 0.10 -9.69
C SER A 405 25.38 -0.20 -8.35
N LYS A 406 26.64 -0.58 -8.37
CA LYS A 406 27.35 -0.83 -7.13
C LYS A 406 28.09 0.44 -6.75
N VAL A 407 28.04 0.82 -5.46
CA VAL A 407 28.69 2.01 -4.92
C VAL A 407 30.20 1.97 -5.25
N GLY A 408 30.73 3.11 -5.70
CA GLY A 408 32.14 3.22 -6.10
C GLY A 408 32.51 2.57 -7.42
N GLN A 409 31.50 2.16 -8.25
CA GLN A 409 31.73 1.52 -9.55
C GLN A 409 30.63 1.91 -10.58
N GLY A 410 30.75 3.14 -11.09
CA GLY A 410 29.82 3.74 -12.06
C GLY A 410 29.51 2.91 -13.29
N ASN A 411 30.55 2.21 -13.83
CA ASN A 411 30.43 1.37 -15.03
C ASN A 411 29.62 0.06 -14.81
N THR A 412 29.06 -0.15 -13.60
CA THR A 412 28.29 -1.36 -13.28
C THR A 412 26.80 -1.11 -13.41
N GLU A 413 26.43 0.13 -13.76
CA GLU A 413 25.05 0.57 -13.87
C GLU A 413 24.23 -0.19 -14.93
N ARG A 414 23.00 -0.57 -14.56
CA ARG A 414 22.09 -1.23 -15.49
C ARG A 414 20.69 -0.87 -15.11
N THR A 415 19.78 -0.84 -16.10
CA THR A 415 18.37 -0.56 -15.87
C THR A 415 17.69 -1.82 -15.43
N VAL A 416 16.85 -1.69 -14.38
CA VAL A 416 16.06 -2.77 -13.83
C VAL A 416 14.60 -2.25 -13.94
N TRP A 417 13.79 -2.98 -14.68
CA TRP A 417 12.41 -2.63 -14.94
C TRP A 417 11.54 -3.36 -13.94
N GLN A 418 10.92 -2.60 -13.06
CA GLN A 418 10.05 -3.16 -12.05
C GLN A 418 8.57 -3.03 -12.44
N TYR A 419 7.94 -4.18 -12.71
CA TYR A 419 6.52 -4.34 -13.05
C TYR A 419 5.76 -4.70 -11.81
N HIS A 420 4.94 -3.77 -11.35
CA HIS A 420 4.19 -3.93 -10.12
C HIS A 420 2.71 -4.10 -10.41
N PHE A 421 2.25 -5.35 -10.40
CA PHE A 421 0.85 -5.68 -10.59
C PHE A 421 0.14 -5.31 -9.30
N ARG A 422 -0.91 -4.45 -9.38
CA ARG A 422 -1.58 -3.91 -8.18
C ARG A 422 -3.05 -4.26 -8.02
N THR A 423 -3.64 -4.99 -8.95
CA THR A 423 -5.07 -5.27 -8.87
C THR A 423 -5.43 -6.71 -8.49
N TRP A 424 -4.43 -7.58 -8.17
CA TRP A 424 -4.76 -8.96 -7.81
C TRP A 424 -5.64 -8.93 -6.52
N PRO A 425 -6.81 -9.61 -6.46
CA PRO A 425 -7.65 -9.51 -5.25
C PRO A 425 -6.95 -9.95 -3.95
N ASP A 426 -7.44 -9.52 -2.77
CA ASP A 426 -6.85 -9.89 -1.47
C ASP A 426 -6.86 -11.40 -1.26
N HIS A 427 -7.96 -12.06 -1.66
CA HIS A 427 -8.19 -13.51 -1.59
C HIS A 427 -8.61 -13.99 -2.99
N GLY A 428 -8.34 -15.26 -3.27
CA GLY A 428 -8.70 -15.83 -4.56
C GLY A 428 -7.89 -15.33 -5.74
N VAL A 429 -8.48 -15.37 -6.92
CA VAL A 429 -7.77 -14.98 -8.15
C VAL A 429 -8.63 -14.01 -8.95
N PRO A 430 -8.09 -13.28 -9.95
CA PRO A 430 -8.96 -12.42 -10.77
C PRO A 430 -10.01 -13.24 -11.52
N SER A 431 -11.20 -12.64 -11.69
CA SER A 431 -12.31 -13.29 -12.41
C SER A 431 -12.04 -13.43 -13.92
N ASP A 432 -11.15 -12.58 -14.49
CA ASP A 432 -10.76 -12.65 -15.91
C ASP A 432 -9.22 -12.60 -16.03
N PRO A 433 -8.58 -13.45 -16.88
CA PRO A 433 -7.11 -13.44 -16.98
C PRO A 433 -6.52 -12.42 -17.96
N GLY A 434 -7.37 -11.62 -18.62
CA GLY A 434 -6.93 -10.63 -19.61
C GLY A 434 -5.88 -9.68 -19.09
N GLY A 435 -6.13 -9.12 -17.91
CA GLY A 435 -5.23 -8.19 -17.21
C GLY A 435 -3.85 -8.76 -16.97
N VAL A 436 -3.78 -9.97 -16.37
CA VAL A 436 -2.54 -10.72 -16.08
C VAL A 436 -1.80 -11.03 -17.38
N LEU A 437 -2.54 -11.46 -18.43
CA LEU A 437 -1.94 -11.83 -19.72
C LEU A 437 -1.26 -10.67 -20.42
N ASP A 438 -1.93 -9.49 -20.49
CA ASP A 438 -1.35 -8.28 -21.10
C ASP A 438 -0.08 -7.86 -20.35
N PHE A 439 -0.13 -7.94 -19.01
CA PHE A 439 1.00 -7.65 -18.11
C PHE A 439 2.17 -8.57 -18.45
N LEU A 440 1.91 -9.91 -18.44
CA LEU A 440 2.90 -10.92 -18.74
C LEU A 440 3.48 -10.75 -20.16
N GLU A 441 2.63 -10.37 -21.16
CA GLU A 441 3.11 -10.13 -22.53
C GLU A 441 4.11 -8.96 -22.53
N GLU A 442 3.82 -7.89 -21.78
CA GLU A 442 4.73 -6.73 -21.63
C GLU A 442 6.06 -7.12 -20.94
N VAL A 443 5.97 -7.89 -19.84
CA VAL A 443 7.14 -8.38 -19.10
C VAL A 443 8.04 -9.19 -20.03
N HIS A 444 7.42 -10.08 -20.81
CA HIS A 444 8.11 -10.95 -21.74
C HIS A 444 8.87 -10.15 -22.79
N HIS A 445 8.20 -9.17 -23.42
CA HIS A 445 8.82 -8.31 -24.44
C HIS A 445 9.96 -7.49 -23.90
N LYS A 446 9.81 -6.94 -22.67
CA LYS A 446 10.91 -6.18 -22.04
C LYS A 446 12.10 -7.09 -21.85
N GLN A 447 11.89 -8.30 -21.25
CA GLN A 447 12.95 -9.27 -21.02
C GLN A 447 13.64 -9.68 -22.36
N GLU A 448 12.85 -9.98 -23.39
CA GLU A 448 13.37 -10.34 -24.70
C GLU A 448 14.21 -9.24 -25.37
N SER A 449 13.91 -7.94 -25.12
CA SER A 449 14.64 -6.82 -25.71
C SER A 449 16.03 -6.58 -25.07
N ILE A 450 16.31 -7.20 -23.91
CA ILE A 450 17.54 -6.94 -23.19
C ILE A 450 18.53 -8.10 -23.37
N MET A 451 19.62 -7.84 -24.10
CA MET A 451 20.68 -8.79 -24.40
C MET A 451 21.33 -9.33 -23.11
N ASP A 452 21.36 -10.67 -22.98
CA ASP A 452 21.96 -11.40 -21.85
C ASP A 452 21.40 -11.00 -20.45
N ALA A 453 20.11 -10.65 -20.40
CA ALA A 453 19.42 -10.34 -19.15
C ALA A 453 19.41 -11.65 -18.34
N GLY A 454 19.58 -11.55 -17.04
CA GLY A 454 19.56 -12.70 -16.16
C GLY A 454 18.13 -13.12 -15.90
N PRO A 455 17.88 -13.99 -14.90
CA PRO A 455 16.50 -14.44 -14.64
C PRO A 455 15.57 -13.30 -14.23
N VAL A 456 14.27 -13.44 -14.56
CA VAL A 456 13.24 -12.49 -14.20
C VAL A 456 12.95 -12.73 -12.71
N VAL A 457 13.02 -11.69 -11.87
CA VAL A 457 12.71 -11.86 -10.44
C VAL A 457 11.20 -11.72 -10.29
N VAL A 458 10.58 -12.66 -9.59
CA VAL A 458 9.14 -12.70 -9.35
C VAL A 458 8.88 -12.84 -7.84
N HIS A 459 8.05 -11.98 -7.26
CA HIS A 459 7.74 -12.09 -5.84
C HIS A 459 6.34 -11.67 -5.50
N CYS A 460 5.84 -12.17 -4.38
CA CYS A 460 4.56 -11.77 -3.80
C CYS A 460 4.84 -11.57 -2.29
N SER A 461 4.16 -12.25 -1.37
CA SER A 461 4.40 -12.14 0.08
C SER A 461 5.34 -13.31 0.50
N ALA A 462 4.84 -14.56 0.46
CA ALA A 462 5.66 -15.73 0.77
C ALA A 462 6.47 -16.22 -0.46
N GLY A 463 6.12 -15.74 -1.66
CA GLY A 463 6.83 -16.11 -2.89
C GLY A 463 6.49 -17.49 -3.44
N ILE A 464 5.28 -17.98 -3.17
CA ILE A 464 4.95 -19.34 -3.64
C ILE A 464 3.61 -19.44 -4.35
N GLY A 465 2.58 -18.70 -3.91
CA GLY A 465 1.24 -18.78 -4.50
C GLY A 465 1.08 -18.01 -5.80
N ARG A 466 0.89 -16.69 -5.66
CA ARG A 466 0.77 -15.77 -6.82
C ARG A 466 2.04 -15.86 -7.66
N THR A 467 3.24 -15.91 -7.01
CA THR A 467 4.56 -16.03 -7.70
C THR A 467 4.60 -17.28 -8.62
N GLY A 468 4.24 -18.44 -8.07
CA GLY A 468 4.21 -19.71 -8.80
C GLY A 468 3.17 -19.65 -9.91
N THR A 469 2.00 -19.04 -9.64
CA THR A 469 0.92 -18.87 -10.63
C THR A 469 1.38 -18.06 -11.85
N PHE A 470 2.00 -16.89 -11.63
CA PHE A 470 2.53 -16.05 -12.71
C PHE A 470 3.66 -16.79 -13.50
N ILE A 471 4.58 -17.46 -12.78
CA ILE A 471 5.69 -18.20 -13.40
C ILE A 471 5.19 -19.38 -14.28
N VAL A 472 4.21 -20.16 -13.79
CA VAL A 472 3.66 -21.30 -14.55
C VAL A 472 2.96 -20.81 -15.83
N ILE A 473 2.11 -19.76 -15.73
CA ILE A 473 1.46 -19.14 -16.89
C ILE A 473 2.52 -18.68 -17.87
N ASP A 474 3.57 -17.99 -17.34
CA ASP A 474 4.66 -17.53 -18.21
C ASP A 474 5.37 -18.65 -18.98
N ILE A 475 5.67 -19.77 -18.30
CA ILE A 475 6.31 -20.98 -18.87
C ILE A 475 5.45 -21.58 -20.00
N LEU A 476 4.17 -21.81 -19.71
CA LEU A 476 3.21 -22.39 -20.66
C LEU A 476 2.99 -21.56 -21.90
N ILE A 477 2.81 -20.23 -21.74
CA ILE A 477 2.64 -19.32 -22.86
C ILE A 477 3.92 -19.23 -23.66
N ASP A 478 5.10 -19.34 -23.00
CA ASP A 478 6.39 -19.33 -23.71
C ASP A 478 6.50 -20.51 -24.69
N ILE A 479 5.91 -21.68 -24.35
CA ILE A 479 5.89 -22.87 -25.22
C ILE A 479 5.01 -22.54 -26.45
N ILE A 480 3.82 -21.96 -26.22
CA ILE A 480 2.89 -21.57 -27.28
C ILE A 480 3.52 -20.50 -28.22
N ARG A 481 4.39 -19.59 -27.71
CA ARG A 481 5.10 -18.57 -28.50
C ARG A 481 6.06 -19.20 -29.49
N GLU A 482 6.97 -20.04 -28.97
CA GLU A 482 8.02 -20.73 -29.69
C GLU A 482 7.46 -21.79 -30.65
N LYS A 483 6.91 -22.88 -30.10
CA LYS A 483 6.42 -24.07 -30.80
C LYS A 483 5.05 -23.93 -31.52
N GLY A 484 4.32 -22.83 -31.32
CA GLY A 484 3.01 -22.62 -31.94
C GLY A 484 1.84 -23.34 -31.27
N VAL A 485 0.61 -23.18 -31.83
CA VAL A 485 -0.64 -23.75 -31.32
C VAL A 485 -0.72 -25.32 -31.35
N ASP A 486 0.09 -26.02 -32.18
CA ASP A 486 0.06 -27.50 -32.22
C ASP A 486 0.98 -28.16 -31.16
N CYS A 487 1.60 -27.36 -30.29
CA CYS A 487 2.47 -27.88 -29.25
C CYS A 487 1.69 -28.63 -28.17
N ASP A 488 2.40 -29.47 -27.45
CA ASP A 488 1.88 -30.23 -26.32
C ASP A 488 2.14 -29.44 -25.05
N ILE A 489 1.09 -29.25 -24.25
CA ILE A 489 1.21 -28.61 -22.94
C ILE A 489 0.60 -29.58 -21.88
N ASP A 490 1.22 -29.62 -20.70
CA ASP A 490 0.80 -30.48 -19.61
C ASP A 490 0.91 -29.65 -18.34
N VAL A 491 -0.21 -29.07 -17.92
CA VAL A 491 -0.28 -28.17 -16.74
C VAL A 491 0.27 -28.87 -15.48
N PRO A 492 -0.25 -30.05 -15.02
CA PRO A 492 0.33 -30.66 -13.80
C PRO A 492 1.79 -31.03 -13.92
N LYS A 493 2.26 -31.46 -15.12
CA LYS A 493 3.69 -31.77 -15.29
C LYS A 493 4.56 -30.53 -15.04
N THR A 494 4.17 -29.39 -15.62
CA THR A 494 4.88 -28.10 -15.52
C THR A 494 4.94 -27.64 -14.06
N ILE A 495 3.84 -27.77 -13.34
CA ILE A 495 3.72 -27.38 -11.94
C ILE A 495 4.60 -28.25 -11.05
N GLN A 496 4.59 -29.61 -11.26
CA GLN A 496 5.44 -30.53 -10.48
C GLN A 496 6.90 -30.15 -10.70
N MET A 497 7.25 -29.84 -11.94
CA MET A 497 8.63 -29.41 -12.29
C MET A 497 9.04 -28.08 -11.53
N VAL A 498 8.13 -27.11 -11.43
CA VAL A 498 8.41 -25.84 -10.72
C VAL A 498 8.44 -26.06 -9.19
N ARG A 499 7.55 -26.93 -8.68
CA ARG A 499 7.48 -27.34 -7.27
C ARG A 499 8.72 -28.11 -6.78
N SER A 500 9.48 -28.73 -7.70
CA SER A 500 10.70 -29.43 -7.30
CA SER A 500 10.71 -29.44 -7.38
C SER A 500 11.81 -28.41 -7.08
N GLN A 501 11.56 -27.14 -7.47
CA GLN A 501 12.58 -26.09 -7.32
C GLN A 501 12.25 -25.05 -6.23
N ARG A 502 11.01 -24.98 -5.77
CA ARG A 502 10.60 -24.13 -4.62
C ARG A 502 9.32 -24.73 -4.09
N SER A 503 9.24 -24.94 -2.76
CA SER A 503 8.07 -25.57 -2.12
C SER A 503 6.76 -24.89 -2.42
N GLY A 504 5.76 -25.68 -2.71
CA GLY A 504 4.38 -25.22 -2.91
C GLY A 504 4.09 -24.16 -3.96
N MET A 505 4.91 -24.08 -5.02
CA MET A 505 4.66 -23.17 -6.17
C MET A 505 3.27 -23.56 -6.71
N VAL A 506 2.31 -22.59 -6.72
CA VAL A 506 0.87 -22.74 -7.04
C VAL A 506 0.21 -23.38 -5.80
N GLN A 507 -0.48 -22.55 -5.04
CA GLN A 507 -1.04 -22.92 -3.75
C GLN A 507 -2.42 -23.53 -3.75
N THR A 508 -3.31 -23.06 -4.62
CA THR A 508 -4.72 -23.50 -4.52
C THR A 508 -5.33 -23.99 -5.81
N GLU A 509 -6.55 -24.57 -5.71
CA GLU A 509 -7.33 -25.07 -6.83
C GLU A 509 -7.77 -23.87 -7.69
N ALA A 510 -8.09 -22.70 -7.04
CA ALA A 510 -8.50 -21.47 -7.74
C ALA A 510 -7.42 -21.01 -8.69
N GLN A 511 -6.16 -21.00 -8.23
CA GLN A 511 -4.99 -20.67 -9.07
C GLN A 511 -4.79 -21.69 -10.20
N TYR A 512 -4.95 -23.00 -9.91
CA TYR A 512 -4.82 -24.09 -10.88
C TYR A 512 -5.75 -23.86 -12.07
N ARG A 513 -7.03 -23.57 -11.76
CA ARG A 513 -8.07 -23.28 -12.75
C ARG A 513 -7.75 -21.96 -13.49
N PHE A 514 -7.19 -20.95 -12.78
CA PHE A 514 -6.80 -19.68 -13.35
C PHE A 514 -5.68 -19.87 -14.39
N ILE A 515 -4.75 -20.83 -14.15
CA ILE A 515 -3.68 -21.17 -15.10
C ILE A 515 -4.32 -21.73 -16.40
N TYR A 516 -5.31 -22.64 -16.27
CA TYR A 516 -6.00 -23.18 -17.45
C TYR A 516 -6.74 -22.08 -18.22
N MET A 517 -7.47 -21.19 -17.47
CA MET A 517 -8.22 -20.07 -18.05
CA MET A 517 -8.23 -20.05 -18.01
C MET A 517 -7.30 -19.09 -18.76
N ALA A 518 -6.12 -18.78 -18.17
CA ALA A 518 -5.15 -17.87 -18.78
C ALA A 518 -4.62 -18.44 -20.10
N VAL A 519 -4.20 -19.73 -20.09
CA VAL A 519 -3.68 -20.43 -21.27
C VAL A 519 -4.77 -20.46 -22.37
N GLN A 520 -6.03 -20.75 -21.99
CA GLN A 520 -7.17 -20.75 -22.89
C GLN A 520 -7.37 -19.37 -23.58
N HIS A 521 -7.34 -18.28 -22.80
CA HIS A 521 -7.51 -16.91 -23.29
C HIS A 521 -6.39 -16.55 -24.27
N TYR A 522 -5.14 -16.91 -23.92
CA TYR A 522 -4.00 -16.65 -24.79
C TYR A 522 -4.17 -17.29 -26.19
N ILE A 523 -4.44 -18.62 -26.24
CA ILE A 523 -4.66 -19.39 -27.46
C ILE A 523 -5.80 -18.80 -28.31
N GLU A 524 -6.91 -18.40 -27.65
CA GLU A 524 -8.09 -17.78 -28.29
C GLU A 524 -7.81 -16.38 -28.89
N THR A 525 -6.83 -15.63 -28.34
CA THR A 525 -6.49 -14.29 -28.85
C THR A 525 -5.33 -14.33 -29.85
N LEU A 526 -4.92 -15.53 -30.26
CA LEU A 526 -3.81 -15.77 -31.18
C LEU A 526 -4.23 -15.80 -32.65
N ARG B 5 1.33 41.95 4.66
CA ARG B 5 2.32 40.93 4.31
C ARG B 5 3.18 41.26 3.06
N ARG B 6 3.34 42.56 2.73
CA ARG B 6 4.10 43.02 1.55
C ARG B 6 5.63 42.74 1.70
N TRP B 7 6.10 42.44 2.95
CA TRP B 7 7.52 42.10 3.19
C TRP B 7 7.92 40.72 2.62
N PHE B 8 6.95 39.87 2.17
CA PHE B 8 7.31 38.60 1.56
C PHE B 8 7.43 38.76 0.04
N HIS B 9 8.62 38.46 -0.49
CA HIS B 9 8.94 38.59 -1.92
C HIS B 9 9.02 37.16 -2.51
N PRO B 10 7.99 36.70 -3.24
CA PRO B 10 8.00 35.29 -3.72
C PRO B 10 9.02 34.92 -4.81
N ASN B 11 9.49 35.89 -5.62
CA ASN B 11 10.35 35.56 -6.76
C ASN B 11 11.79 36.06 -6.72
N ILE B 12 12.18 36.72 -5.65
CA ILE B 12 13.51 37.28 -5.49
C ILE B 12 14.59 36.25 -5.08
N THR B 13 15.86 36.50 -5.50
CA THR B 13 17.05 35.72 -5.13
C THR B 13 17.73 36.46 -3.96
N GLY B 14 18.73 35.81 -3.36
CA GLY B 14 19.54 36.35 -2.27
C GLY B 14 20.33 37.58 -2.69
N VAL B 15 20.87 37.54 -3.93
CA VAL B 15 21.59 38.67 -4.52
C VAL B 15 20.61 39.84 -4.78
N GLU B 16 19.41 39.56 -5.35
CA GLU B 16 18.37 40.56 -5.62
C GLU B 16 17.88 41.19 -4.30
N ALA B 17 17.65 40.36 -3.26
CA ALA B 17 17.25 40.79 -1.91
C ALA B 17 18.31 41.73 -1.33
N GLU B 18 19.60 41.33 -1.42
CA GLU B 18 20.76 42.09 -0.92
C GLU B 18 20.81 43.50 -1.53
N ASN B 19 20.81 43.58 -2.88
CA ASN B 19 20.83 44.83 -3.67
CA ASN B 19 20.84 44.85 -3.62
C ASN B 19 19.61 45.72 -3.33
N LEU B 20 18.40 45.11 -3.24
CA LEU B 20 17.18 45.82 -2.92
C LEU B 20 17.22 46.45 -1.51
N LEU B 21 17.71 45.71 -0.51
CA LEU B 21 17.84 46.23 0.85
C LEU B 21 18.90 47.35 0.96
N LEU B 22 19.98 47.25 0.15
CA LEU B 22 21.06 48.22 0.13
C LEU B 22 20.72 49.50 -0.66
N THR B 23 19.95 49.38 -1.76
CA THR B 23 19.58 50.54 -2.59
C THR B 23 18.24 51.22 -2.21
N ARG B 24 17.28 50.44 -1.68
CA ARG B 24 15.94 50.95 -1.34
C ARG B 24 15.56 50.83 0.15
N GLY B 25 16.43 50.25 0.96
CA GLY B 25 16.18 50.10 2.38
C GLY B 25 17.18 50.86 3.22
N VAL B 26 16.98 50.79 4.53
CA VAL B 26 17.83 51.42 5.54
C VAL B 26 18.14 50.39 6.63
N ASP B 27 18.93 50.75 7.64
CA ASP B 27 19.23 49.87 8.77
C ASP B 27 17.92 49.57 9.49
N GLY B 28 17.64 48.28 9.70
CA GLY B 28 16.38 47.84 10.28
C GLY B 28 15.39 47.39 9.20
N SER B 29 15.71 47.65 7.90
CA SER B 29 14.86 47.19 6.80
C SER B 29 14.99 45.65 6.69
N PHE B 30 13.89 44.99 6.30
CA PHE B 30 13.92 43.53 6.16
C PHE B 30 12.92 43.05 5.13
N LEU B 31 13.07 41.78 4.76
CA LEU B 31 12.16 41.05 3.89
C LEU B 31 12.29 39.53 4.14
N ALA B 32 11.29 38.75 3.72
CA ALA B 32 11.30 37.29 3.78
C ALA B 32 11.09 36.83 2.35
N ARG B 33 11.63 35.67 2.01
CA ARG B 33 11.60 35.17 0.64
C ARG B 33 11.79 33.64 0.65
N PRO B 34 11.49 32.90 -0.45
CA PRO B 34 11.77 31.46 -0.44
C PRO B 34 13.28 31.23 -0.54
N SER B 35 13.77 30.12 0.01
CA SER B 35 15.18 29.79 -0.09
C SER B 35 15.43 29.15 -1.48
N LYS B 36 16.46 29.61 -2.18
CA LYS B 36 16.82 29.09 -3.50
C LYS B 36 17.72 27.87 -3.34
N SER B 37 18.65 27.93 -2.36
CA SER B 37 19.59 26.86 -2.03
C SER B 37 18.89 25.61 -1.51
N ASN B 38 17.89 25.80 -0.63
CA ASN B 38 17.11 24.72 -0.04
C ASN B 38 15.61 24.93 -0.28
N PRO B 39 15.07 24.51 -1.45
CA PRO B 39 13.62 24.69 -1.72
C PRO B 39 12.75 24.03 -0.64
N GLY B 40 11.76 24.78 -0.16
CA GLY B 40 10.90 24.39 0.95
C GLY B 40 11.24 25.23 2.17
N ASP B 41 12.48 25.75 2.22
CA ASP B 41 12.89 26.63 3.30
C ASP B 41 12.64 28.09 2.87
N PHE B 42 12.90 29.00 3.79
CA PHE B 42 12.71 30.43 3.61
C PHE B 42 13.90 31.13 4.23
N THR B 43 14.01 32.41 3.94
CA THR B 43 15.08 33.24 4.44
C THR B 43 14.53 34.61 4.82
N LEU B 44 14.98 35.10 5.97
CA LEU B 44 14.69 36.44 6.44
C LEU B 44 15.96 37.26 6.14
N SER B 45 15.87 38.24 5.21
CA SER B 45 17.02 39.07 4.83
C SER B 45 16.86 40.44 5.51
N VAL B 46 17.79 40.76 6.44
CA VAL B 46 17.74 41.97 7.26
C VAL B 46 18.96 42.85 7.03
N ARG B 47 18.74 44.15 6.87
CA ARG B 47 19.82 45.11 6.75
C ARG B 47 20.11 45.64 8.15
N ARG B 48 21.40 45.68 8.48
CA ARG B 48 21.95 46.13 9.74
C ARG B 48 23.38 46.58 9.46
N ASN B 49 23.80 47.72 10.05
CA ASN B 49 25.12 48.35 9.92
C ASN B 49 25.65 48.39 8.46
N GLY B 50 24.78 48.85 7.54
CA GLY B 50 25.09 48.96 6.12
C GLY B 50 25.34 47.68 5.37
N ALA B 51 25.02 46.53 5.98
CA ALA B 51 25.18 45.21 5.37
C ALA B 51 23.93 44.31 5.53
N VAL B 52 23.81 43.29 4.68
CA VAL B 52 22.66 42.38 4.67
C VAL B 52 23.05 41.00 5.22
N THR B 53 22.22 40.52 6.17
CA THR B 53 22.35 39.18 6.76
C THR B 53 21.14 38.35 6.37
N HIS B 54 21.39 37.08 6.05
CA HIS B 54 20.38 36.12 5.63
C HIS B 54 20.21 35.07 6.72
N ILE B 55 19.01 34.98 7.32
CA ILE B 55 18.70 34.06 8.41
C ILE B 55 17.76 33.01 7.87
N LYS B 56 18.17 31.75 7.97
CA LYS B 56 17.39 30.63 7.45
C LYS B 56 16.18 30.36 8.32
N ILE B 57 15.04 30.09 7.68
CA ILE B 57 13.79 29.66 8.32
C ILE B 57 13.51 28.28 7.72
N GLN B 58 13.57 27.23 8.52
CA GLN B 58 13.26 25.90 8.00
C GLN B 58 11.82 25.53 8.34
N ASN B 59 11.18 24.74 7.46
CA ASN B 59 9.88 24.12 7.70
C ASN B 59 9.84 22.72 7.07
N THR B 60 9.95 21.68 7.90
CA THR B 60 9.89 20.29 7.41
C THR B 60 8.47 19.74 7.47
N GLY B 61 7.53 20.56 7.96
CA GLY B 61 6.13 20.19 8.06
C GLY B 61 5.49 20.42 9.42
N ASP B 62 6.30 20.80 10.45
CA ASP B 62 5.79 20.99 11.82
C ASP B 62 5.59 22.44 12.27
N TYR B 63 6.50 23.34 11.88
CA TYR B 63 6.52 24.77 12.25
C TYR B 63 7.66 25.43 11.48
N TYR B 64 7.68 26.75 11.52
CA TYR B 64 8.74 27.59 10.95
C TYR B 64 9.77 27.72 12.05
N ASP B 65 10.98 27.25 11.78
CA ASP B 65 12.06 27.23 12.74
C ASP B 65 13.11 28.22 12.26
N LEU B 66 13.17 29.36 12.94
CA LEU B 66 14.06 30.46 12.65
C LEU B 66 15.39 30.18 13.33
N TYR B 67 16.45 30.04 12.54
CA TYR B 67 17.80 29.75 13.05
C TYR B 67 18.26 30.83 14.03
N GLY B 68 18.58 30.40 15.26
CA GLY B 68 18.99 31.29 16.33
C GLY B 68 17.85 32.12 16.91
N GLY B 69 16.62 31.69 16.66
CA GLY B 69 15.41 32.35 17.15
C GLY B 69 14.40 31.31 17.60
N GLU B 70 13.11 31.64 17.54
CA GLU B 70 12.10 30.71 17.98
C GLU B 70 11.39 29.97 16.84
N LYS B 71 10.40 29.14 17.23
CA LYS B 71 9.57 28.33 16.36
C LYS B 71 8.17 28.97 16.25
N PHE B 72 7.69 29.16 15.04
CA PHE B 72 6.42 29.84 14.81
C PHE B 72 5.45 29.06 13.97
N ALA B 73 4.15 29.40 14.09
CA ALA B 73 3.08 28.76 13.33
C ALA B 73 2.98 29.32 11.90
N THR B 74 3.23 30.63 11.70
CA THR B 74 3.20 31.28 10.37
C THR B 74 4.36 32.28 10.26
N LEU B 75 4.71 32.70 9.03
CA LEU B 75 5.74 33.76 8.86
C LEU B 75 5.20 35.13 9.35
N ALA B 76 3.86 35.36 9.23
CA ALA B 76 3.22 36.59 9.71
C ALA B 76 3.34 36.65 11.24
N GLU B 77 3.12 35.51 11.94
CA GLU B 77 3.23 35.50 13.42
C GLU B 77 4.71 35.69 13.84
N LEU B 78 5.66 35.17 13.05
CA LEU B 78 7.09 35.34 13.26
C LEU B 78 7.44 36.84 13.18
N VAL B 79 7.05 37.50 12.06
CA VAL B 79 7.34 38.94 11.82
C VAL B 79 6.65 39.78 12.89
N GLN B 80 5.37 39.50 13.20
CA GLN B 80 4.66 40.23 14.25
C GLN B 80 5.38 40.16 15.60
N TYR B 81 5.82 38.95 15.97
CA TYR B 81 6.52 38.70 17.24
C TYR B 81 7.82 39.51 17.33
N TYR B 82 8.63 39.53 16.28
CA TYR B 82 9.89 40.26 16.38
C TYR B 82 9.74 41.79 16.21
N MET B 83 8.78 42.26 15.38
CA MET B 83 8.53 43.69 15.20
C MET B 83 7.97 44.34 16.48
N GLU B 84 7.38 43.54 17.40
CA GLU B 84 6.81 44.00 18.66
C GLU B 84 7.76 43.71 19.85
N HIS B 85 8.46 42.58 19.84
CA HIS B 85 9.43 42.17 20.87
C HIS B 85 10.86 42.49 20.41
N HIS B 86 11.22 43.79 20.37
CA HIS B 86 12.56 44.26 19.96
C HIS B 86 13.63 43.83 20.99
N GLY B 87 14.79 43.43 20.49
CA GLY B 87 15.90 42.94 21.30
C GLY B 87 15.88 41.44 21.53
N GLN B 88 14.77 40.77 21.12
CA GLN B 88 14.56 39.32 21.27
C GLN B 88 15.30 38.52 20.19
N LEU B 89 15.33 39.02 18.94
CA LEU B 89 16.03 38.33 17.86
C LEU B 89 17.52 38.63 17.91
N LYS B 90 18.33 37.57 17.94
CA LYS B 90 19.79 37.66 17.97
C LYS B 90 20.40 36.83 16.84
N GLU B 91 21.62 37.17 16.42
CA GLU B 91 22.34 36.46 15.35
C GLU B 91 23.05 35.21 15.89
N ASN B 93 26.15 34.18 17.49
CA ASN B 93 26.79 35.49 17.60
C ASN B 93 26.34 36.23 18.87
N GLY B 94 25.03 36.29 19.10
CA GLY B 94 24.43 36.96 20.25
C GLY B 94 24.08 38.42 20.00
N ASP B 95 24.47 38.94 18.80
CA ASP B 95 24.24 40.32 18.37
C ASP B 95 22.77 40.53 18.03
N VAL B 96 22.13 41.49 18.74
CA VAL B 96 20.73 41.84 18.55
C VAL B 96 20.46 42.40 17.15
N ILE B 97 19.43 41.86 16.50
CA ILE B 97 19.02 42.26 15.15
C ILE B 97 17.56 42.70 15.19
N GLU B 98 17.30 43.91 14.69
CA GLU B 98 15.97 44.52 14.70
C GLU B 98 15.23 44.45 13.38
N LEU B 99 13.93 44.10 13.45
CA LEU B 99 12.99 44.07 12.33
C LEU B 99 12.19 45.35 12.48
N LYS B 100 12.65 46.44 11.84
CA LYS B 100 12.01 47.76 11.95
C LYS B 100 11.12 48.11 10.79
N TYR B 101 11.69 48.07 9.55
CA TYR B 101 11.03 48.48 8.31
C TYR B 101 10.84 47.38 7.28
N PRO B 102 9.59 46.92 7.12
CA PRO B 102 9.32 45.94 6.05
C PRO B 102 9.58 46.58 4.69
N LEU B 103 10.38 45.91 3.85
CA LEU B 103 10.68 46.37 2.50
C LEU B 103 9.62 45.73 1.60
N ASN B 104 8.68 46.55 1.14
CA ASN B 104 7.52 46.10 0.37
C ASN B 104 7.84 45.67 -1.05
N CYS B 105 7.19 44.57 -1.42
CA CYS B 105 7.28 43.89 -2.69
C CYS B 105 6.22 44.44 -3.63
N ALA B 106 6.61 44.74 -4.86
CA ALA B 106 5.70 45.28 -5.87
C ALA B 106 5.19 44.20 -6.84
N ASP B 107 5.70 42.96 -6.69
CA ASP B 107 5.38 41.82 -7.53
C ASP B 107 3.94 41.34 -7.27
N PRO B 108 3.07 41.31 -8.31
CA PRO B 108 1.68 40.92 -8.07
C PRO B 108 1.43 39.40 -8.18
N THR B 109 2.49 38.57 -8.31
CA THR B 109 2.35 37.11 -8.52
C THR B 109 1.52 36.40 -7.45
N SER B 110 1.57 36.81 -6.17
CA SER B 110 0.80 36.14 -5.11
C SER B 110 -0.56 36.77 -4.79
N GLU B 111 -1.04 37.69 -5.64
CA GLU B 111 -2.33 38.32 -5.43
C GLU B 111 -3.45 37.40 -5.89
N ARG B 112 -4.53 37.32 -5.11
CA ARG B 112 -5.67 36.47 -5.50
C ARG B 112 -6.26 36.89 -6.87
N TRP B 113 -6.37 38.20 -7.12
CA TRP B 113 -6.93 38.79 -8.35
C TRP B 113 -5.98 38.78 -9.57
N PHE B 114 -4.69 38.46 -9.39
CA PHE B 114 -3.72 38.48 -10.50
C PHE B 114 -3.59 37.15 -11.25
N HIS B 115 -3.79 37.21 -12.58
CA HIS B 115 -3.77 36.01 -13.42
C HIS B 115 -2.74 35.98 -14.56
N GLY B 116 -1.63 36.70 -14.42
CA GLY B 116 -0.53 36.74 -15.39
C GLY B 116 -0.91 36.65 -16.86
N HIS B 117 -0.39 35.62 -17.56
CA HIS B 117 -0.73 35.41 -18.98
C HIS B 117 -2.05 34.64 -19.11
N LEU B 118 -3.14 35.38 -19.02
CA LEU B 118 -4.50 34.89 -19.18
C LEU B 118 -5.07 35.72 -20.32
N SER B 119 -5.59 35.04 -21.37
CA SER B 119 -6.18 35.69 -22.53
C SER B 119 -7.47 36.41 -22.14
N GLY B 120 -7.87 37.40 -22.96
CA GLY B 120 -9.09 38.18 -22.75
C GLY B 120 -10.35 37.38 -22.92
N LYS B 121 -10.30 36.38 -23.81
CA LYS B 121 -11.39 35.47 -24.13
C LYS B 121 -11.61 34.50 -22.97
N GLU B 122 -10.53 33.88 -22.44
CA GLU B 122 -10.66 32.99 -21.28
C GLU B 122 -11.02 33.76 -20.00
N ALA B 123 -10.62 35.07 -19.89
CA ALA B 123 -10.94 35.94 -18.75
C ALA B 123 -12.45 36.20 -18.69
N GLU B 124 -13.05 36.46 -19.87
CA GLU B 124 -14.48 36.71 -20.05
C GLU B 124 -15.31 35.46 -19.75
N LYS B 125 -14.83 34.27 -20.15
CA LYS B 125 -15.48 32.97 -19.91
C LYS B 125 -15.52 32.74 -18.39
N LEU B 126 -14.34 32.84 -17.74
CA LEU B 126 -14.17 32.70 -16.30
C LEU B 126 -15.10 33.65 -15.52
N LEU B 127 -15.18 34.93 -15.95
CA LEU B 127 -16.05 35.92 -15.31
C LEU B 127 -17.55 35.66 -15.53
N THR B 128 -17.91 35.06 -16.67
CA THR B 128 -19.31 34.75 -17.00
C THR B 128 -19.82 33.57 -16.14
N GLU B 129 -19.06 32.46 -16.11
CA GLU B 129 -19.39 31.22 -15.43
C GLU B 129 -19.26 31.31 -13.90
N LYS B 130 -18.07 31.70 -13.41
CA LYS B 130 -17.75 31.80 -11.96
C LYS B 130 -18.08 33.13 -11.27
N GLY B 131 -18.10 34.22 -12.04
CA GLY B 131 -18.30 35.56 -11.51
C GLY B 131 -19.68 35.91 -10.99
N LYS B 132 -19.70 36.89 -10.08
CA LYS B 132 -20.88 37.50 -9.47
C LYS B 132 -20.62 39.04 -9.41
N HIS B 133 -21.55 39.86 -8.88
CA HIS B 133 -21.33 41.31 -8.84
C HIS B 133 -20.09 41.69 -7.98
N GLY B 134 -19.20 42.47 -8.57
CA GLY B 134 -17.98 42.90 -7.91
C GLY B 134 -16.79 42.00 -8.12
N SER B 135 -16.95 40.90 -8.89
CA SER B 135 -15.84 39.98 -9.14
C SER B 135 -14.91 40.60 -10.14
N PHE B 136 -13.62 40.55 -9.86
CA PHE B 136 -12.64 41.17 -10.74
C PHE B 136 -11.40 40.34 -10.86
N LEU B 137 -10.61 40.65 -11.90
CA LEU B 137 -9.30 40.05 -12.14
C LEU B 137 -8.39 41.05 -12.84
N VAL B 138 -7.09 40.78 -12.81
CA VAL B 138 -6.09 41.57 -13.45
C VAL B 138 -5.23 40.60 -14.22
N ARG B 139 -5.07 40.85 -15.53
CA ARG B 139 -4.26 40.04 -16.43
C ARG B 139 -3.31 40.91 -17.25
N GLU B 140 -2.30 40.29 -17.86
CA GLU B 140 -1.36 40.96 -18.74
C GLU B 140 -2.09 41.17 -20.07
N SER B 141 -1.90 42.35 -20.70
CA SER B 141 -2.47 42.68 -22.01
C SER B 141 -1.59 42.07 -23.09
N GLN B 142 -2.20 41.27 -24.00
CA GLN B 142 -1.50 40.59 -25.11
C GLN B 142 -1.18 41.54 -26.28
N SER B 143 -2.18 42.32 -26.74
CA SER B 143 -2.07 43.29 -27.84
C SER B 143 -1.20 44.48 -27.48
N HIS B 144 -1.30 44.96 -26.23
CA HIS B 144 -0.52 46.07 -25.70
C HIS B 144 0.46 45.49 -24.65
N PRO B 145 1.59 44.83 -25.06
CA PRO B 145 2.49 44.21 -24.06
C PRO B 145 3.06 45.15 -23.03
N GLY B 146 3.33 44.62 -21.83
CA GLY B 146 3.82 45.38 -20.69
C GLY B 146 2.68 46.01 -19.92
N ASP B 147 1.56 46.25 -20.62
CA ASP B 147 0.36 46.80 -20.03
C ASP B 147 -0.51 45.71 -19.40
N PHE B 148 -1.55 46.12 -18.70
CA PHE B 148 -2.44 45.19 -18.00
C PHE B 148 -3.88 45.52 -18.29
N VAL B 149 -4.77 44.60 -17.94
CA VAL B 149 -6.21 44.77 -18.12
C VAL B 149 -6.87 44.35 -16.81
N LEU B 150 -7.75 45.20 -16.31
CA LEU B 150 -8.57 44.95 -15.13
C LEU B 150 -9.96 44.65 -15.70
N SER B 151 -10.49 43.45 -15.40
CA SER B 151 -11.82 43.06 -15.85
C SER B 151 -12.72 42.86 -14.64
N VAL B 152 -13.84 43.60 -14.59
CA VAL B 152 -14.82 43.61 -13.51
C VAL B 152 -16.17 43.14 -14.02
N ARG B 153 -16.93 42.51 -13.13
CA ARG B 153 -18.28 42.04 -13.34
C ARG B 153 -19.19 42.90 -12.45
N THR B 154 -20.32 43.43 -13.02
CA THR B 154 -21.25 44.27 -12.24
C THR B 154 -22.70 43.77 -12.32
N ASN B 162 -27.82 35.04 -18.80
CA ASN B 162 -27.88 35.41 -20.22
C ASN B 162 -29.07 36.36 -20.52
N ASP B 163 -29.47 37.15 -19.51
CA ASP B 163 -30.58 38.12 -19.56
C ASP B 163 -30.12 39.60 -19.66
N GLY B 164 -28.81 39.82 -19.80
CA GLY B 164 -28.23 41.15 -19.91
C GLY B 164 -28.30 41.99 -18.65
N LYS B 165 -28.69 41.38 -17.51
CA LYS B 165 -28.76 42.03 -16.19
C LYS B 165 -27.34 42.31 -15.61
N SER B 166 -26.33 41.61 -16.15
CA SER B 166 -24.92 41.73 -15.75
C SER B 166 -24.03 41.92 -16.98
N LYS B 167 -22.81 42.45 -16.77
CA LYS B 167 -21.83 42.71 -17.84
C LYS B 167 -20.39 42.65 -17.32
N VAL B 168 -19.42 42.56 -18.24
CA VAL B 168 -18.00 42.58 -17.92
C VAL B 168 -17.37 43.84 -18.55
N THR B 169 -16.84 44.74 -17.71
CA THR B 169 -16.15 45.96 -18.15
C THR B 169 -14.65 45.70 -18.07
N HIS B 170 -13.93 46.08 -19.14
CA HIS B 170 -12.49 45.97 -19.21
C HIS B 170 -11.93 47.40 -19.08
N VAL B 171 -10.94 47.57 -18.20
CA VAL B 171 -10.25 48.83 -17.92
C VAL B 171 -8.78 48.58 -18.20
N MET B 172 -8.23 49.28 -19.19
CA MET B 172 -6.84 49.15 -19.59
C MET B 172 -5.96 49.83 -18.54
N ILE B 173 -4.89 49.14 -18.10
CA ILE B 173 -3.94 49.64 -17.13
C ILE B 173 -2.65 49.78 -17.89
N ARG B 174 -2.20 51.02 -18.09
CA ARG B 174 -0.96 51.22 -18.83
C ARG B 174 0.22 51.34 -17.90
N CYS B 175 1.37 50.85 -18.36
CA CYS B 175 2.63 50.92 -17.64
C CYS B 175 3.47 51.97 -18.35
N GLN B 176 3.68 53.10 -17.68
CA GLN B 176 4.44 54.19 -18.25
C GLN B 176 5.51 54.54 -17.28
N GLU B 177 6.78 54.48 -17.73
CA GLU B 177 7.96 54.83 -16.92
C GLU B 177 7.93 54.17 -15.51
N LEU B 178 7.71 52.85 -15.48
CA LEU B 178 7.65 52.00 -14.27
C LEU B 178 6.42 52.26 -13.34
N LYS B 179 5.45 53.11 -13.76
CA LYS B 179 4.26 53.39 -12.97
C LYS B 179 2.98 52.93 -13.69
N TYR B 180 1.90 52.68 -12.94
CA TYR B 180 0.62 52.19 -13.48
C TYR B 180 -0.52 53.15 -13.29
N ASP B 181 -1.38 53.27 -14.31
CA ASP B 181 -2.56 54.14 -14.27
C ASP B 181 -3.71 53.62 -15.17
N VAL B 182 -4.95 54.07 -14.90
CA VAL B 182 -6.14 53.69 -15.67
C VAL B 182 -6.47 54.76 -16.76
N GLY B 183 -5.45 55.47 -17.27
CA GLY B 183 -5.61 56.48 -18.31
C GLY B 183 -5.64 57.92 -17.83
N GLY B 184 -5.92 58.10 -16.55
CA GLY B 184 -5.98 59.40 -15.92
C GLY B 184 -5.85 59.27 -14.42
N GLY B 185 -5.70 60.40 -13.73
CA GLY B 185 -5.58 60.45 -12.29
C GLY B 185 -4.21 60.09 -11.76
N GLU B 186 -4.19 59.37 -10.63
CA GLU B 186 -2.96 58.98 -9.95
C GLU B 186 -2.16 57.89 -10.67
N ARG B 187 -0.84 57.95 -10.50
CA ARG B 187 0.10 57.00 -11.05
C ARG B 187 0.64 56.18 -9.87
N PHE B 188 0.59 54.86 -9.99
CA PHE B 188 0.95 53.91 -8.90
C PHE B 188 2.29 53.21 -9.09
N ASP B 189 2.98 52.93 -7.97
CA ASP B 189 4.26 52.21 -7.98
C ASP B 189 4.09 50.72 -8.30
N SER B 190 2.89 50.17 -8.03
CA SER B 190 2.57 48.76 -8.28
C SER B 190 1.08 48.56 -8.60
N LEU B 191 0.75 47.38 -9.16
CA LEU B 191 -0.62 46.98 -9.49
C LEU B 191 -1.42 46.83 -8.21
N THR B 192 -0.76 46.34 -7.13
CA THR B 192 -1.37 46.21 -5.80
C THR B 192 -1.90 47.55 -5.33
N ASP B 193 -1.04 48.59 -5.32
CA ASP B 193 -1.42 49.96 -4.89
C ASP B 193 -2.56 50.50 -5.76
N LEU B 194 -2.49 50.27 -7.10
CA LEU B 194 -3.56 50.67 -8.04
C LEU B 194 -4.90 50.02 -7.64
N VAL B 195 -4.90 48.65 -7.51
CA VAL B 195 -6.10 47.87 -7.13
C VAL B 195 -6.66 48.34 -5.77
N GLU B 196 -5.79 48.54 -4.76
CA GLU B 196 -6.17 49.01 -3.43
C GLU B 196 -6.85 50.38 -3.52
N HIS B 197 -6.27 51.30 -4.34
CA HIS B 197 -6.86 52.63 -4.54
C HIS B 197 -8.27 52.54 -5.07
N TYR B 198 -8.48 51.75 -6.16
CA TYR B 198 -9.79 51.62 -6.82
C TYR B 198 -10.78 50.71 -6.07
N LYS B 199 -10.31 49.97 -5.04
CA LYS B 199 -11.19 49.22 -4.14
C LYS B 199 -11.81 50.27 -3.21
N LYS B 200 -10.99 51.21 -2.68
CA LYS B 200 -11.45 52.26 -1.77
C LYS B 200 -12.21 53.41 -2.48
N ASN B 201 -11.68 53.86 -3.64
CA ASN B 201 -12.26 54.95 -4.45
C ASN B 201 -12.65 54.36 -5.80
N PRO B 202 -13.85 53.74 -5.87
CA PRO B 202 -14.24 53.05 -7.11
C PRO B 202 -14.44 53.95 -8.31
N MET B 203 -14.07 53.42 -9.49
CA MET B 203 -14.27 54.09 -10.78
C MET B 203 -15.77 54.14 -11.05
N VAL B 204 -16.23 55.22 -11.70
CA VAL B 204 -17.64 55.39 -12.06
C VAL B 204 -17.69 55.67 -13.55
N GLU B 205 -18.62 55.01 -14.25
CA GLU B 205 -18.84 55.24 -15.68
C GLU B 205 -19.68 56.51 -15.79
N THR B 206 -19.67 57.18 -16.97
CA THR B 206 -20.41 58.43 -17.21
C THR B 206 -21.92 58.25 -16.96
N LEU B 207 -22.46 57.06 -17.30
CA LEU B 207 -23.88 56.73 -17.11
C LEU B 207 -24.20 56.16 -15.71
N GLY B 208 -23.24 56.28 -14.78
CA GLY B 208 -23.42 55.92 -13.37
C GLY B 208 -22.94 54.58 -12.84
N THR B 209 -22.59 53.59 -13.71
CA THR B 209 -22.13 52.27 -13.21
C THR B 209 -20.87 52.42 -12.36
N VAL B 210 -20.97 51.97 -11.09
CA VAL B 210 -19.87 52.01 -10.12
C VAL B 210 -19.11 50.69 -10.33
N LEU B 211 -17.83 50.79 -10.76
CA LEU B 211 -17.00 49.61 -11.02
C LEU B 211 -16.39 49.06 -9.72
N GLN B 212 -17.26 48.51 -8.87
CA GLN B 212 -16.97 47.98 -7.55
C GLN B 212 -16.08 46.73 -7.63
N LEU B 213 -14.86 46.79 -7.03
CA LEU B 213 -13.91 45.68 -6.96
C LEU B 213 -14.18 45.04 -5.59
N LYS B 214 -15.26 44.24 -5.50
CA LYS B 214 -15.71 43.64 -4.25
C LYS B 214 -14.88 42.43 -3.83
N GLN B 215 -14.65 41.49 -4.76
CA GLN B 215 -13.88 40.29 -4.45
C GLN B 215 -13.14 39.74 -5.66
N PRO B 216 -11.92 39.20 -5.48
CA PRO B 216 -11.22 38.58 -6.64
C PRO B 216 -12.06 37.43 -7.19
N LEU B 217 -11.99 37.18 -8.50
CA LEU B 217 -12.77 36.09 -9.06
C LEU B 217 -12.22 34.74 -8.51
N ASN B 218 -13.12 33.83 -8.07
CA ASN B 218 -12.70 32.52 -7.57
C ASN B 218 -12.34 31.61 -8.76
N THR B 219 -11.10 31.15 -8.80
CA THR B 219 -10.63 30.26 -9.86
C THR B 219 -10.15 28.93 -9.25
N THR B 220 -10.22 28.76 -7.90
CA THR B 220 -9.73 27.54 -7.27
C THR B 220 -10.81 26.50 -7.00
N ARG B 221 -12.09 26.92 -6.88
CA ARG B 221 -13.21 26.01 -6.65
C ARG B 221 -13.38 25.16 -7.92
N ILE B 222 -13.45 23.83 -7.75
CA ILE B 222 -13.60 22.90 -8.86
C ILE B 222 -14.67 21.87 -8.57
N ASN B 223 -15.20 21.23 -9.62
CA ASN B 223 -16.12 20.11 -9.41
C ASN B 223 -15.18 18.93 -9.08
N ALA B 224 -15.52 18.14 -8.05
CA ALA B 224 -14.69 16.98 -7.62
C ALA B 224 -14.20 16.06 -8.75
N ALA B 225 -15.02 15.82 -9.81
CA ALA B 225 -14.63 14.98 -10.97
C ALA B 225 -13.51 15.59 -11.81
N GLU B 226 -13.33 16.92 -11.76
CA GLU B 226 -12.31 17.65 -12.50
C GLU B 226 -10.96 17.68 -11.77
N ILE B 227 -10.85 17.02 -10.57
CA ILE B 227 -9.63 17.00 -9.73
C ILE B 227 -8.39 16.59 -10.54
N GLU B 228 -8.46 15.46 -11.28
CA GLU B 228 -7.35 14.92 -12.08
C GLU B 228 -6.88 15.95 -13.09
N SER B 229 -7.85 16.60 -13.77
CA SER B 229 -7.63 17.66 -14.75
C SER B 229 -6.96 18.88 -14.05
N ARG B 230 -7.42 19.24 -12.83
CA ARG B 230 -6.82 20.36 -12.07
C ARG B 230 -5.40 20.03 -11.56
N VAL B 231 -5.19 18.79 -11.09
CA VAL B 231 -3.88 18.32 -10.61
C VAL B 231 -2.88 18.38 -11.77
N ARG B 232 -3.32 17.98 -12.99
CA ARG B 232 -2.52 18.04 -14.21
C ARG B 232 -2.09 19.50 -14.47
N GLU B 233 -3.05 20.44 -14.48
CA GLU B 233 -2.84 21.90 -14.64
C GLU B 233 -1.88 22.47 -13.58
N LEU B 234 -2.08 22.12 -12.28
CA LEU B 234 -1.20 22.59 -11.19
C LEU B 234 0.21 22.00 -11.23
N SER B 235 0.39 20.85 -11.93
CA SER B 235 1.69 20.21 -12.05
C SER B 235 2.49 20.76 -13.25
N LYS B 236 1.82 21.45 -14.18
CA LYS B 236 2.42 22.01 -15.40
C LYS B 236 3.38 23.17 -15.13
N GLN B 246 5.81 25.72 -10.62
CA GLN B 246 4.51 25.05 -10.84
C GLN B 246 3.30 25.83 -10.32
N GLY B 247 2.13 25.52 -10.89
CA GLY B 247 0.84 26.06 -10.46
C GLY B 247 0.56 25.78 -8.99
N PHE B 248 0.99 24.60 -8.48
CA PHE B 248 0.81 24.25 -7.06
C PHE B 248 1.46 25.32 -6.16
N TRP B 249 2.72 25.69 -6.47
CA TRP B 249 3.50 26.68 -5.74
C TRP B 249 2.79 28.05 -5.75
N GLU B 250 2.36 28.50 -6.95
CA GLU B 250 1.66 29.77 -7.17
C GLU B 250 0.39 29.83 -6.30
N GLU B 251 -0.45 28.77 -6.35
CA GLU B 251 -1.68 28.69 -5.58
C GLU B 251 -1.35 28.68 -4.08
N PHE B 252 -0.33 27.90 -3.66
CA PHE B 252 0.07 27.81 -2.26
C PHE B 252 0.53 29.16 -1.73
N GLU B 253 1.43 29.84 -2.46
CA GLU B 253 1.93 31.13 -2.02
C GLU B 253 0.86 32.24 -2.04
N THR B 254 -0.16 32.12 -2.91
CA THR B 254 -1.28 33.08 -2.94
C THR B 254 -2.12 32.91 -1.65
N LEU B 255 -2.37 31.65 -1.24
CA LEU B 255 -3.08 31.34 -0.01
C LEU B 255 -2.23 31.82 1.22
N GLN B 256 -0.89 31.61 1.19
CA GLN B 256 0.01 32.06 2.26
C GLN B 256 -0.03 33.56 2.48
N GLN B 257 -0.19 34.34 1.38
CA GLN B 257 -0.30 35.80 1.44
C GLN B 257 -1.49 36.22 2.27
N GLN B 258 -2.57 35.40 2.31
CA GLN B 258 -3.79 35.71 3.08
C GLN B 258 -3.69 35.48 4.60
N GLU B 259 -2.53 35.04 5.09
CA GLU B 259 -2.33 34.70 6.51
C GLU B 259 -2.30 35.92 7.43
N CYS B 260 -1.95 37.11 6.88
CA CYS B 260 -1.93 38.39 7.61
CA CYS B 260 -1.94 38.34 7.68
C CYS B 260 -3.33 38.76 8.11
N LYS B 261 -4.37 38.22 7.47
CA LYS B 261 -5.78 38.45 7.87
C LYS B 261 -6.14 37.60 9.11
N LEU B 262 -5.23 36.67 9.53
CA LEU B 262 -5.54 35.72 10.59
C LEU B 262 -4.73 35.89 11.90
N LEU B 263 -4.25 37.11 12.18
CA LEU B 263 -3.48 37.38 13.40
C LEU B 263 -4.40 37.72 14.58
N TYR B 264 -5.19 36.74 15.02
CA TYR B 264 -6.14 36.91 16.13
C TYR B 264 -5.39 36.81 17.45
N SER B 265 -6.00 37.31 18.54
CA SER B 265 -5.31 37.27 19.82
C SER B 265 -5.14 35.83 20.34
N ARG B 266 -3.97 35.61 20.95
CA ARG B 266 -3.51 34.36 21.56
CA ARG B 266 -3.56 34.36 21.59
C ARG B 266 -2.99 34.78 22.97
N LYS B 267 -3.76 35.63 23.67
CA LYS B 267 -3.39 36.19 24.97
C LYS B 267 -3.40 35.16 26.12
N GLU B 268 -4.41 34.27 26.17
CA GLU B 268 -4.48 33.26 27.25
C GLU B 268 -3.24 32.38 27.28
N GLY B 269 -2.76 31.96 26.12
CA GLY B 269 -1.54 31.15 26.03
C GLY B 269 -0.27 31.86 26.45
N GLN B 270 -0.27 33.21 26.43
CA GLN B 270 0.87 34.05 26.80
C GLN B 270 0.96 34.34 28.31
N ARG B 271 -0.11 34.10 29.07
CA ARG B 271 -0.16 34.30 30.53
C ARG B 271 0.95 33.49 31.20
N GLN B 272 1.62 34.09 32.22
CA GLN B 272 2.72 33.45 32.97
C GLN B 272 2.41 32.02 33.41
N GLU B 273 1.23 31.81 33.99
CA GLU B 273 0.78 30.52 34.50
C GLU B 273 0.61 29.44 33.39
N ASN B 274 0.44 29.87 32.12
CA ASN B 274 0.20 28.97 30.98
C ASN B 274 1.38 28.72 30.13
N LYS B 275 2.42 29.53 30.27
CA LYS B 275 3.62 29.41 29.46
C LYS B 275 4.17 27.98 29.34
N ASN B 276 4.37 27.30 30.49
CA ASN B 276 4.93 25.94 30.55
C ASN B 276 3.96 24.83 30.05
N LYS B 277 2.69 25.16 29.74
CA LYS B 277 1.69 24.24 29.21
C LYS B 277 1.73 24.19 27.67
N ASN B 278 2.70 24.93 27.07
CA ASN B 278 2.90 24.99 25.62
C ASN B 278 4.18 24.27 25.26
N ARG B 279 4.12 23.38 24.25
CA ARG B 279 5.29 22.63 23.76
C ARG B 279 6.27 23.62 23.15
N TYR B 280 5.74 24.62 22.43
CA TYR B 280 6.49 25.68 21.76
C TYR B 280 5.87 26.99 22.21
N LYS B 281 6.70 27.80 22.88
CA LYS B 281 6.36 29.09 23.49
C LYS B 281 5.51 30.03 22.62
N ASN B 282 5.80 30.09 21.30
CA ASN B 282 5.09 30.99 20.37
C ASN B 282 3.99 30.32 19.51
N ILE B 283 3.77 29.01 19.65
CA ILE B 283 2.73 28.31 18.89
C ILE B 283 1.56 28.16 19.87
N LEU B 284 0.63 29.10 19.78
CA LEU B 284 -0.47 29.24 20.73
C LEU B 284 -1.84 29.14 20.12
N PRO B 285 -2.86 28.72 20.94
CA PRO B 285 -4.23 28.66 20.43
C PRO B 285 -4.89 30.05 20.43
N PHE B 286 -5.72 30.34 19.40
CA PHE B 286 -6.47 31.60 19.38
C PHE B 286 -7.45 31.59 20.54
N ASP B 287 -7.56 32.71 21.27
CA ASP B 287 -8.51 32.83 22.38
C ASP B 287 -9.96 32.53 22.01
N HIS B 288 -10.40 32.95 20.83
CA HIS B 288 -11.81 32.83 20.43
C HIS B 288 -12.24 31.35 20.07
N THR B 289 -11.30 30.43 19.82
CA THR B 289 -11.62 29.02 19.49
C THR B 289 -10.96 28.00 20.46
N ARG B 290 -10.21 28.51 21.46
CA ARG B 290 -9.49 27.65 22.39
C ARG B 290 -10.43 26.81 23.20
N VAL B 291 -9.98 25.60 23.55
CA VAL B 291 -10.80 24.73 24.37
C VAL B 291 -10.66 25.28 25.82
N VAL B 292 -11.78 25.64 26.44
CA VAL B 292 -11.72 26.19 27.80
C VAL B 292 -12.08 25.06 28.76
N LEU B 293 -11.17 24.75 29.69
CA LEU B 293 -11.43 23.67 30.64
C LEU B 293 -12.17 24.17 31.87
N HIS B 294 -13.40 23.68 32.08
CA HIS B 294 -14.26 24.05 33.22
C HIS B 294 -14.21 22.95 34.28
N VAL B 302 -5.41 29.29 37.91
CA VAL B 302 -5.52 29.05 36.46
C VAL B 302 -5.46 27.55 36.15
N SER B 303 -6.63 26.98 35.84
CA SER B 303 -6.81 25.57 35.51
C SER B 303 -7.70 25.44 34.26
N ASP B 304 -7.91 26.54 33.50
CA ASP B 304 -8.82 26.48 32.35
C ASP B 304 -8.14 26.29 30.98
N TYR B 305 -6.81 26.24 30.97
CA TYR B 305 -6.01 26.25 29.78
C TYR B 305 -5.46 24.90 29.29
N ILE B 306 -5.52 24.76 27.96
CA ILE B 306 -4.90 23.69 27.18
C ILE B 306 -4.57 24.27 25.79
N ASN B 307 -3.40 23.93 25.23
CA ASN B 307 -3.04 24.36 23.91
C ASN B 307 -3.80 23.48 22.85
N ALA B 308 -5.05 23.84 22.62
CA ALA B 308 -6.00 23.12 21.78
C ALA B 308 -7.04 24.11 21.28
N ASN B 309 -7.56 23.86 20.08
CA ASN B 309 -8.64 24.66 19.52
C ASN B 309 -9.67 23.74 18.88
N ILE B 310 -10.92 24.12 19.02
CA ILE B 310 -12.05 23.49 18.36
C ILE B 310 -11.96 23.95 16.91
N ILE B 311 -12.08 23.03 15.96
CA ILE B 311 -12.12 23.27 14.51
C ILE B 311 -13.51 22.86 14.04
N MET B 312 -14.32 23.86 13.65
CA MET B 312 -15.69 23.64 13.15
C MET B 312 -15.69 23.85 11.64
N PRO B 313 -15.94 22.83 10.82
CA PRO B 313 -15.98 23.04 9.36
C PRO B 313 -17.22 23.82 8.89
N GLU B 314 -17.33 24.00 7.53
CA GLU B 314 -18.38 24.69 6.75
C GLU B 314 -18.19 26.19 6.78
N PRO B 324 -25.92 15.96 11.45
CA PRO B 324 -24.79 15.73 12.36
C PRO B 324 -23.46 16.13 11.69
N LYS B 325 -22.90 17.26 12.14
CA LYS B 325 -21.66 17.83 11.59
C LYS B 325 -20.46 17.38 12.44
N LYS B 326 -19.43 16.79 11.79
CA LYS B 326 -18.23 16.31 12.50
C LYS B 326 -17.30 17.48 12.81
N SER B 327 -16.92 17.63 14.05
CA SER B 327 -15.98 18.68 14.44
C SER B 327 -14.71 18.05 14.98
N TYR B 328 -13.67 18.88 15.12
CA TYR B 328 -12.35 18.44 15.55
C TYR B 328 -11.82 19.31 16.64
N ILE B 329 -10.93 18.72 17.43
CA ILE B 329 -10.10 19.43 18.37
C ILE B 329 -8.70 19.23 17.82
N ALA B 330 -8.03 20.31 17.44
CA ALA B 330 -6.65 20.22 16.97
C ALA B 330 -5.76 20.61 18.17
N THR B 331 -4.90 19.70 18.60
CA THR B 331 -4.07 19.97 19.79
C THR B 331 -2.61 19.57 19.59
N GLN B 332 -1.74 19.98 20.50
CA GLN B 332 -0.32 19.65 20.47
C GLN B 332 -0.12 18.25 21.12
N GLY B 333 1.09 17.71 21.04
CA GLY B 333 1.43 16.46 21.73
C GLY B 333 1.53 16.76 23.22
N CYS B 334 1.06 15.85 24.10
CA CYS B 334 1.14 16.04 25.56
C CYS B 334 2.50 16.31 26.07
N LEU B 335 2.56 17.10 27.12
CA LEU B 335 3.77 17.33 27.88
C LEU B 335 3.49 16.58 29.18
N GLN B 336 4.53 16.20 29.95
CA GLN B 336 4.33 15.50 31.25
C GLN B 336 3.31 16.25 32.13
N ASN B 337 3.45 17.60 32.19
CA ASN B 337 2.57 18.44 33.02
C ASN B 337 1.20 18.75 32.41
N THR B 338 0.88 18.26 31.18
CA THR B 338 -0.43 18.56 30.58
C THR B 338 -1.28 17.30 30.31
N VAL B 339 -0.80 16.12 30.75
CA VAL B 339 -1.52 14.85 30.55
C VAL B 339 -2.89 14.88 31.21
N ASN B 340 -2.96 15.36 32.48
CA ASN B 340 -4.23 15.46 33.21
C ASN B 340 -5.19 16.41 32.50
N ASP B 341 -4.67 17.55 31.97
CA ASP B 341 -5.48 18.54 31.22
C ASP B 341 -6.01 17.91 29.91
N PHE B 342 -5.17 17.10 29.26
CA PHE B 342 -5.59 16.40 28.05
C PHE B 342 -6.81 15.52 28.35
N TRP B 343 -6.76 14.71 29.43
CA TRP B 343 -7.89 13.84 29.74
C TRP B 343 -9.14 14.60 30.21
N ARG B 344 -8.93 15.76 30.91
CA ARG B 344 -10.04 16.65 31.31
C ARG B 344 -10.75 17.15 30.04
N MET B 345 -9.97 17.48 28.98
CA MET B 345 -10.49 17.95 27.70
C MET B 345 -11.31 16.87 26.97
N VAL B 346 -10.74 15.63 26.83
CA VAL B 346 -11.37 14.48 26.20
C VAL B 346 -12.73 14.22 26.88
N PHE B 347 -12.73 14.23 28.20
CA PHE B 347 -13.92 14.01 29.01
C PHE B 347 -14.99 15.11 28.84
N GLN B 348 -14.62 16.37 29.06
CA GLN B 348 -15.51 17.54 28.98
C GLN B 348 -16.18 17.65 27.60
N GLU B 349 -15.38 17.48 26.55
CA GLU B 349 -15.87 17.61 25.19
C GLU B 349 -16.61 16.40 24.67
N ASN B 350 -16.63 15.29 25.45
CA ASN B 350 -17.30 14.04 25.09
C ASN B 350 -16.67 13.40 23.82
N SER B 351 -15.36 13.67 23.56
CA SER B 351 -14.66 13.05 22.43
C SER B 351 -14.57 11.53 22.63
N ARG B 352 -14.84 10.76 21.57
CA ARG B 352 -14.76 9.31 21.62
C ARG B 352 -13.69 8.77 20.67
N VAL B 353 -13.04 9.68 19.92
CA VAL B 353 -12.00 9.31 18.96
C VAL B 353 -10.84 10.27 19.10
N ILE B 354 -9.63 9.69 19.22
CA ILE B 354 -8.38 10.43 19.26
C ILE B 354 -7.55 9.93 18.09
N VAL B 355 -7.01 10.87 17.33
CA VAL B 355 -6.12 10.62 16.20
C VAL B 355 -4.73 11.15 16.56
N MET B 356 -3.76 10.23 16.66
CA MET B 356 -2.39 10.61 16.96
C MET B 356 -1.65 10.43 15.67
N THR B 357 -1.00 11.49 15.18
CA THR B 357 -0.37 11.39 13.85
C THR B 357 1.15 11.30 13.88
N THR B 358 1.71 11.15 15.05
CA THR B 358 3.15 11.09 15.26
C THR B 358 3.52 9.87 16.13
N LYS B 359 4.78 9.43 16.06
CA LYS B 359 5.32 8.43 16.99
C LYS B 359 5.61 9.26 18.26
N GLU B 360 5.82 8.60 19.43
CA GLU B 360 6.19 9.37 20.63
C GLU B 360 7.58 9.98 20.43
N VAL B 361 8.46 9.25 19.72
CA VAL B 361 9.83 9.68 19.46
C VAL B 361 10.11 9.68 17.97
N GLU B 362 10.56 10.82 17.45
CA GLU B 362 10.92 10.96 16.04
C GLU B 362 12.28 11.61 15.93
N ARG B 363 13.19 10.98 15.15
CA ARG B 363 14.59 11.43 14.96
C ARG B 363 15.28 11.70 16.32
N GLY B 364 15.06 10.78 17.27
CA GLY B 364 15.60 10.86 18.63
C GLY B 364 15.07 11.98 19.51
N LYS B 365 13.93 12.61 19.12
CA LYS B 365 13.30 13.72 19.86
C LYS B 365 11.87 13.37 20.29
N SER B 366 11.49 13.74 21.53
CA SER B 366 10.16 13.47 22.07
C SER B 366 9.11 14.44 21.49
N LYS B 367 8.12 13.89 20.82
CA LYS B 367 7.06 14.64 20.13
C LYS B 367 5.75 14.66 20.92
N CYS B 368 5.58 13.71 21.85
CA CYS B 368 4.36 13.54 22.64
C CYS B 368 4.66 12.52 23.75
N VAL B 369 4.37 12.87 25.01
CA VAL B 369 4.57 11.92 26.12
C VAL B 369 3.47 10.86 26.03
N LYS B 370 3.74 9.64 26.52
CA LYS B 370 2.76 8.53 26.50
C LYS B 370 1.67 8.94 27.51
N TYR B 371 0.43 9.12 27.02
CA TYR B 371 -0.64 9.58 27.89
C TYR B 371 -1.69 8.50 28.12
N TRP B 372 -1.44 7.31 27.60
CA TRP B 372 -2.33 6.16 27.73
C TRP B 372 -1.63 5.06 28.52
N PRO B 373 -2.39 4.21 29.21
CA PRO B 373 -1.75 3.09 29.94
C PRO B 373 -1.29 1.98 29.00
N ASP B 374 -0.40 1.07 29.48
CA ASP B 374 -0.02 -0.09 28.66
C ASP B 374 -1.25 -0.99 28.51
N GLU B 375 -1.26 -1.84 27.48
CA GLU B 375 -2.40 -2.76 27.25
C GLU B 375 -2.77 -3.54 28.53
N TYR B 376 -4.09 -3.63 28.84
CA TYR B 376 -4.70 -4.29 30.02
C TYR B 376 -4.50 -3.49 31.33
N ALA B 377 -3.67 -2.43 31.33
CA ALA B 377 -3.41 -1.63 32.53
C ALA B 377 -4.39 -0.47 32.72
N LEU B 378 -4.49 -0.02 33.97
CA LEU B 378 -5.33 1.09 34.38
C LEU B 378 -4.46 2.15 35.07
N LYS B 379 -4.71 3.42 34.71
CA LYS B 379 -3.99 4.55 35.27
C LYS B 379 -4.94 5.65 35.64
N GLU B 380 -4.58 6.45 36.67
CA GLU B 380 -5.34 7.64 37.05
C GLU B 380 -4.52 8.86 36.64
N TYR B 381 -5.13 9.78 35.88
CA TYR B 381 -4.45 11.00 35.44
C TYR B 381 -5.24 12.09 36.11
N GLY B 382 -4.82 12.46 37.31
CA GLY B 382 -5.58 13.42 38.13
C GLY B 382 -6.91 12.78 38.51
N VAL B 383 -8.02 13.46 38.24
CA VAL B 383 -9.39 12.95 38.54
C VAL B 383 -9.91 11.93 37.46
N MET B 384 -9.14 11.70 36.38
CA MET B 384 -9.57 10.85 35.25
C MET B 384 -8.93 9.48 35.31
N ARG B 385 -9.74 8.45 35.19
CA ARG B 385 -9.27 7.08 35.20
C ARG B 385 -9.30 6.54 33.75
N VAL B 386 -8.19 5.96 33.28
CA VAL B 386 -8.14 5.40 31.93
C VAL B 386 -7.70 3.94 31.97
N ARG B 387 -8.50 3.08 31.38
CA ARG B 387 -8.20 1.67 31.18
C ARG B 387 -7.91 1.39 29.69
N ASN B 388 -6.78 0.77 29.37
CA ASN B 388 -6.45 0.34 28.01
C ASN B 388 -6.97 -1.10 27.91
N VAL B 389 -8.20 -1.23 27.39
CA VAL B 389 -8.93 -2.51 27.25
C VAL B 389 -8.23 -3.48 26.29
N LYS B 390 -7.78 -2.98 25.12
CA LYS B 390 -7.20 -3.79 24.06
C LYS B 390 -6.51 -2.94 23.01
N GLU B 391 -5.43 -3.48 22.45
CA GLU B 391 -4.68 -2.88 21.38
C GLU B 391 -4.77 -3.79 20.17
N SER B 392 -5.04 -3.21 19.00
CA SER B 392 -5.14 -3.90 17.71
C SER B 392 -4.19 -3.21 16.76
N ALA B 393 -3.16 -3.92 16.28
CA ALA B 393 -2.14 -3.35 15.41
C ALA B 393 -2.30 -3.72 13.96
N ALA B 394 -2.23 -2.72 13.07
CA ALA B 394 -2.23 -2.84 11.62
C ALA B 394 -0.87 -2.30 11.18
N HIS B 395 -0.55 -2.34 9.89
CA HIS B 395 0.74 -1.84 9.43
C HIS B 395 0.90 -0.32 9.63
N ASP B 396 -0.07 0.48 9.18
CA ASP B 396 0.02 1.95 9.26
C ASP B 396 -0.33 2.50 10.64
N TYR B 397 -1.05 1.74 11.45
CA TYR B 397 -1.49 2.26 12.73
C TYR B 397 -1.82 1.23 13.79
N THR B 398 -1.93 1.70 15.01
CA THR B 398 -2.37 0.92 16.17
C THR B 398 -3.65 1.57 16.68
N LEU B 399 -4.61 0.74 17.04
CA LEU B 399 -5.86 1.15 17.62
C LEU B 399 -5.84 0.71 19.08
N ARG B 400 -6.03 1.66 20.00
CA ARG B 400 -6.14 1.39 21.42
C ARG B 400 -7.56 1.69 21.88
N GLU B 401 -8.22 0.67 22.40
CA GLU B 401 -9.57 0.81 22.91
C GLU B 401 -9.39 1.21 24.38
N LEU B 402 -9.70 2.45 24.70
CA LEU B 402 -9.55 2.96 26.06
C LEU B 402 -10.90 3.19 26.71
N LYS B 403 -10.98 3.10 28.03
CA LYS B 403 -12.19 3.36 28.80
C LYS B 403 -11.85 4.48 29.75
N LEU B 404 -12.51 5.62 29.55
CA LEU B 404 -12.31 6.83 30.33
C LEU B 404 -13.50 7.08 31.27
N SER B 405 -13.21 7.38 32.54
CA SER B 405 -14.23 7.71 33.53
C SER B 405 -13.64 8.69 34.53
N LYS B 406 -14.51 9.39 35.27
CA LYS B 406 -14.06 10.27 36.33
C LYS B 406 -14.00 9.40 37.61
N VAL B 407 -12.91 9.53 38.37
CA VAL B 407 -12.69 8.77 39.62
C VAL B 407 -13.85 9.04 40.61
N GLY B 408 -14.42 7.97 41.17
CA GLY B 408 -15.53 8.04 42.13
C GLY B 408 -16.92 8.01 41.52
N GLN B 409 -17.00 8.04 40.17
CA GLN B 409 -18.25 8.08 39.41
C GLN B 409 -18.25 7.06 38.26
N GLY B 410 -18.70 5.85 38.59
CA GLY B 410 -18.75 4.73 37.64
C GLY B 410 -19.58 4.96 36.40
N ASN B 411 -20.71 5.69 36.56
CA ASN B 411 -21.66 6.04 35.50
C ASN B 411 -21.15 7.10 34.49
N THR B 412 -19.88 7.55 34.60
CA THR B 412 -19.31 8.54 33.67
C THR B 412 -18.45 7.86 32.62
N GLU B 413 -18.28 6.55 32.72
CA GLU B 413 -17.44 5.75 31.82
C GLU B 413 -17.89 5.79 30.36
N ARG B 414 -16.92 5.95 29.44
CA ARG B 414 -17.13 5.91 28.00
C ARG B 414 -15.88 5.39 27.31
N THR B 415 -16.07 4.67 26.20
CA THR B 415 -14.97 4.16 25.38
C THR B 415 -14.45 5.30 24.52
N VAL B 416 -13.11 5.42 24.46
CA VAL B 416 -12.38 6.39 23.68
C VAL B 416 -11.44 5.55 22.80
N TRP B 417 -11.58 5.68 21.48
CA TRP B 417 -10.84 4.92 20.49
C TRP B 417 -9.66 5.75 20.02
N GLN B 418 -8.47 5.31 20.37
CA GLN B 418 -7.24 6.00 19.97
C GLN B 418 -6.59 5.33 18.78
N TYR B 419 -6.56 6.05 17.65
CA TYR B 419 -5.97 5.67 16.36
C TYR B 419 -4.63 6.32 16.24
N HIS B 420 -3.59 5.52 16.36
CA HIS B 420 -2.23 6.05 16.36
C HIS B 420 -1.52 5.71 15.07
N PHE B 421 -1.46 6.70 14.14
CA PHE B 421 -0.81 6.60 12.82
C PHE B 421 0.70 6.59 13.07
N ARG B 422 1.38 5.59 12.53
CA ARG B 422 2.81 5.37 12.81
C ARG B 422 3.71 5.36 11.58
N THR B 423 3.18 5.51 10.38
CA THR B 423 4.02 5.43 9.18
C THR B 423 4.23 6.77 8.49
N TRP B 424 3.90 7.89 9.15
CA TRP B 424 4.15 9.19 8.53
C TRP B 424 5.68 9.40 8.49
N PRO B 425 6.30 9.77 7.36
CA PRO B 425 7.77 9.96 7.35
C PRO B 425 8.26 11.11 8.23
N ASP B 426 9.49 10.96 8.75
CA ASP B 426 10.16 11.94 9.61
C ASP B 426 10.10 13.35 9.01
N HIS B 427 10.48 13.46 7.74
CA HIS B 427 10.40 14.70 6.97
C HIS B 427 9.56 14.48 5.71
N GLY B 428 8.91 15.54 5.24
CA GLY B 428 8.11 15.48 4.04
C GLY B 428 6.77 14.81 4.32
N VAL B 429 6.17 14.27 3.26
CA VAL B 429 4.83 13.64 3.33
C VAL B 429 4.90 12.21 2.76
N PRO B 430 3.90 11.34 3.02
CA PRO B 430 3.93 10.00 2.38
C PRO B 430 3.94 10.14 0.86
N SER B 431 4.70 9.27 0.17
CA SER B 431 4.76 9.32 -1.30
C SER B 431 3.43 8.82 -1.89
N ASP B 432 2.68 8.02 -1.11
CA ASP B 432 1.36 7.54 -1.52
C ASP B 432 0.29 7.90 -0.49
N PRO B 433 -0.87 8.47 -0.89
CA PRO B 433 -1.90 8.83 0.11
C PRO B 433 -2.82 7.69 0.60
N GLY B 434 -2.68 6.50 0.03
CA GLY B 434 -3.49 5.30 0.31
C GLY B 434 -3.60 4.92 1.77
N GLY B 435 -2.48 4.89 2.47
CA GLY B 435 -2.41 4.58 3.90
C GLY B 435 -3.22 5.55 4.72
N VAL B 436 -2.97 6.88 4.53
CA VAL B 436 -3.71 7.97 5.18
C VAL B 436 -5.21 7.88 4.90
N LEU B 437 -5.59 7.60 3.63
CA LEU B 437 -7.01 7.52 3.28
C LEU B 437 -7.70 6.33 3.89
N ASP B 438 -7.01 5.17 3.91
CA ASP B 438 -7.61 3.98 4.51
C ASP B 438 -7.84 4.24 6.02
N PHE B 439 -6.87 4.90 6.66
CA PHE B 439 -6.90 5.27 8.08
C PHE B 439 -8.06 6.22 8.37
N LEU B 440 -8.18 7.32 7.59
CA LEU B 440 -9.26 8.29 7.80
C LEU B 440 -10.64 7.69 7.61
N GLU B 441 -10.80 6.79 6.59
CA GLU B 441 -12.06 6.09 6.31
C GLU B 441 -12.48 5.30 7.55
N GLU B 442 -11.52 4.60 8.16
CA GLU B 442 -11.73 3.80 9.38
C GLU B 442 -12.10 4.71 10.59
N VAL B 443 -11.39 5.84 10.73
CA VAL B 443 -11.68 6.82 11.81
C VAL B 443 -13.09 7.37 11.62
N HIS B 444 -13.45 7.74 10.36
CA HIS B 444 -14.77 8.29 10.04
C HIS B 444 -15.89 7.33 10.46
N HIS B 445 -15.78 6.04 10.05
CA HIS B 445 -16.77 5.01 10.37
C HIS B 445 -16.89 4.76 11.89
N LYS B 446 -15.78 4.75 12.62
CA LYS B 446 -15.86 4.63 14.10
C LYS B 446 -16.69 5.77 14.70
N GLN B 447 -16.36 7.05 14.34
CA GLN B 447 -17.03 8.27 14.82
C GLN B 447 -18.53 8.22 14.43
N GLU B 448 -18.84 7.79 13.20
CA GLU B 448 -20.21 7.67 12.72
C GLU B 448 -21.07 6.60 13.51
N SER B 449 -20.45 5.52 13.96
CA SER B 449 -21.10 4.46 14.75
C SER B 449 -21.39 4.84 16.21
N ILE B 450 -20.84 5.98 16.72
CA ILE B 450 -21.01 6.39 18.13
C ILE B 450 -21.99 7.51 18.24
N MET B 451 -23.17 7.18 18.81
CA MET B 451 -24.26 8.11 19.02
C MET B 451 -23.82 9.29 19.89
N ASP B 452 -24.04 10.52 19.42
CA ASP B 452 -23.70 11.78 20.10
C ASP B 452 -22.20 11.91 20.51
N ALA B 453 -21.28 11.29 19.76
CA ALA B 453 -19.84 11.44 20.00
C ALA B 453 -19.47 12.95 19.84
N GLY B 454 -18.51 13.44 20.64
CA GLY B 454 -18.08 14.82 20.54
C GLY B 454 -17.05 14.99 19.42
N PRO B 455 -16.32 16.12 19.36
CA PRO B 455 -15.29 16.28 18.32
C PRO B 455 -14.20 15.23 18.37
N VAL B 456 -13.64 14.95 17.21
CA VAL B 456 -12.53 14.02 17.04
C VAL B 456 -11.23 14.80 17.41
N VAL B 457 -10.46 14.29 18.39
CA VAL B 457 -9.22 14.94 18.82
C VAL B 457 -8.09 14.56 17.85
N VAL B 458 -7.36 15.51 17.31
CA VAL B 458 -6.26 15.26 16.37
C VAL B 458 -5.01 15.94 16.86
N HIS B 459 -3.90 15.21 16.99
CA HIS B 459 -2.64 15.83 17.45
C HIS B 459 -1.42 15.26 16.80
N CYS B 460 -0.37 16.06 16.75
CA CYS B 460 0.97 15.67 16.30
C CYS B 460 1.95 16.21 17.34
N SER B 461 2.91 17.06 16.97
CA SER B 461 3.90 17.69 17.86
C SER B 461 3.37 19.10 18.22
N ALA B 462 3.37 20.05 17.27
CA ALA B 462 2.86 21.39 17.51
C ALA B 462 1.35 21.43 17.33
N GLY B 463 0.80 20.43 16.64
CA GLY B 463 -0.65 20.36 16.40
C GLY B 463 -1.11 21.28 15.29
N ILE B 464 -0.23 21.55 14.29
CA ILE B 464 -0.66 22.45 13.20
C ILE B 464 -0.34 21.92 11.77
N GLY B 465 0.80 21.25 11.57
CA GLY B 465 1.23 20.76 10.26
C GLY B 465 0.49 19.51 9.83
N ARG B 466 0.90 18.36 10.40
CA ARG B 466 0.30 17.06 10.16
C ARG B 466 -1.15 17.04 10.58
N THR B 467 -1.45 17.61 11.76
CA THR B 467 -2.80 17.75 12.31
C THR B 467 -3.70 18.47 11.31
N GLY B 468 -3.26 19.65 10.86
CA GLY B 468 -3.99 20.46 9.89
C GLY B 468 -4.21 19.70 8.59
N THR B 469 -3.19 18.96 8.12
CA THR B 469 -3.23 18.16 6.88
C THR B 469 -4.29 17.06 6.98
N PHE B 470 -4.28 16.26 8.09
CA PHE B 470 -5.25 15.20 8.31
C PHE B 470 -6.66 15.76 8.40
N ILE B 471 -6.87 16.86 9.17
CA ILE B 471 -8.20 17.46 9.33
C ILE B 471 -8.73 17.95 7.96
N VAL B 472 -7.89 18.67 7.19
CA VAL B 472 -8.31 19.23 5.90
C VAL B 472 -8.71 18.09 4.92
N ILE B 473 -7.89 17.04 4.84
CA ILE B 473 -8.18 15.85 4.01
C ILE B 473 -9.51 15.29 4.48
N ASP B 474 -9.67 15.15 5.81
CA ASP B 474 -10.90 14.62 6.39
C ASP B 474 -12.14 15.41 6.02
N ILE B 475 -12.05 16.77 6.04
CA ILE B 475 -13.20 17.64 5.70
C ILE B 475 -13.55 17.45 4.22
N LEU B 476 -12.53 17.46 3.35
CA LEU B 476 -12.70 17.35 1.92
C LEU B 476 -13.32 16.04 1.48
N ILE B 477 -12.81 14.90 1.98
CA ILE B 477 -13.30 13.57 1.65
C ILE B 477 -14.72 13.42 2.22
N ASP B 478 -15.03 14.05 3.40
CA ASP B 478 -16.41 14.02 3.98
C ASP B 478 -17.46 14.62 3.01
N ILE B 479 -17.08 15.70 2.30
CA ILE B 479 -17.93 16.35 1.28
C ILE B 479 -18.18 15.38 0.10
N ILE B 480 -17.12 14.76 -0.42
CA ILE B 480 -17.17 13.79 -1.53
C ILE B 480 -17.94 12.51 -1.15
N ARG B 481 -17.72 11.94 0.04
CA ARG B 481 -18.40 10.72 0.51
C ARG B 481 -19.95 10.91 0.56
N GLU B 482 -20.40 12.08 1.02
CA GLU B 482 -21.82 12.46 1.18
C GLU B 482 -22.51 12.87 -0.14
N LYS B 483 -21.84 13.65 -1.02
CA LYS B 483 -22.44 14.18 -2.26
C LYS B 483 -21.93 13.57 -3.56
N GLY B 484 -20.98 12.65 -3.46
CA GLY B 484 -20.39 12.01 -4.62
C GLY B 484 -19.47 12.96 -5.39
N VAL B 485 -19.17 12.60 -6.65
CA VAL B 485 -18.32 13.39 -7.56
C VAL B 485 -18.99 14.68 -8.01
N ASP B 486 -20.33 14.78 -7.86
CA ASP B 486 -21.07 15.97 -8.23
C ASP B 486 -21.20 16.92 -7.04
N CYS B 487 -20.05 17.48 -6.63
CA CYS B 487 -19.88 18.43 -5.53
C CYS B 487 -18.69 19.34 -5.83
N ASP B 488 -18.78 20.57 -5.34
CA ASP B 488 -17.75 21.59 -5.47
C ASP B 488 -16.77 21.49 -4.31
N ILE B 489 -15.49 21.43 -4.63
CA ILE B 489 -14.45 21.47 -3.60
C ILE B 489 -13.46 22.61 -3.94
N ASP B 490 -12.95 23.25 -2.90
CA ASP B 490 -12.04 24.37 -3.03
C ASP B 490 -11.01 24.22 -1.91
N VAL B 491 -9.82 23.72 -2.25
CA VAL B 491 -8.75 23.41 -1.29
C VAL B 491 -8.26 24.67 -0.51
N PRO B 492 -7.81 25.79 -1.13
CA PRO B 492 -7.37 26.94 -0.32
C PRO B 492 -8.48 27.54 0.52
N LYS B 493 -9.75 27.54 0.02
CA LYS B 493 -10.85 28.06 0.80
C LYS B 493 -10.99 27.26 2.11
N THR B 494 -10.97 25.91 2.01
CA THR B 494 -11.09 25.00 3.15
C THR B 494 -9.96 25.23 4.13
N ILE B 495 -8.73 25.38 3.61
CA ILE B 495 -7.59 25.58 4.47
C ILE B 495 -7.67 26.93 5.21
N GLN B 496 -8.10 28.02 4.51
CA GLN B 496 -8.22 29.36 5.14
C GLN B 496 -9.20 29.32 6.27
N MET B 497 -10.32 28.61 6.07
CA MET B 497 -11.37 28.44 7.07
C MET B 497 -10.84 27.70 8.35
N VAL B 498 -10.01 26.67 8.16
CA VAL B 498 -9.37 25.90 9.24
C VAL B 498 -8.31 26.76 9.97
N ARG B 499 -7.47 27.50 9.21
CA ARG B 499 -6.43 28.41 9.74
C ARG B 499 -6.98 29.59 10.53
N SER B 500 -8.25 29.92 10.30
CA SER B 500 -8.91 31.00 11.04
C SER B 500 -9.28 30.49 12.44
N GLN B 501 -9.20 29.15 12.65
CA GLN B 501 -9.58 28.56 13.94
C GLN B 501 -8.38 28.04 14.74
N ARG B 502 -7.21 27.85 14.08
CA ARG B 502 -5.96 27.50 14.75
C ARG B 502 -4.85 27.96 13.84
N SER B 503 -3.84 28.66 14.42
CA SER B 503 -2.72 29.22 13.65
C SER B 503 -1.99 28.20 12.81
N GLY B 504 -1.74 28.59 11.55
CA GLY B 504 -0.97 27.84 10.57
C GLY B 504 -1.30 26.39 10.31
N MET B 505 -2.59 26.02 10.36
CA MET B 505 -3.09 24.69 10.03
C MET B 505 -2.71 24.44 8.57
N VAL B 506 -1.85 23.41 8.32
CA VAL B 506 -1.25 23.05 7.01
C VAL B 506 -0.02 23.96 6.87
N GLN B 507 1.14 23.38 7.09
CA GLN B 507 2.39 24.13 7.16
C GLN B 507 3.14 24.34 5.85
N THR B 508 3.21 23.31 5.01
CA THR B 508 4.09 23.37 3.85
C THR B 508 3.44 23.14 2.50
N GLU B 509 4.20 23.43 1.46
CA GLU B 509 3.76 23.23 0.08
C GLU B 509 3.63 21.72 -0.22
N ALA B 510 4.51 20.88 0.38
CA ALA B 510 4.49 19.41 0.25
C ALA B 510 3.18 18.88 0.80
N GLN B 511 2.73 19.38 1.96
CA GLN B 511 1.44 18.99 2.55
C GLN B 511 0.26 19.42 1.68
N TYR B 512 0.31 20.65 1.13
CA TYR B 512 -0.70 21.22 0.25
C TYR B 512 -0.94 20.32 -0.97
N ARG B 513 0.15 19.95 -1.64
CA ARG B 513 0.21 19.01 -2.79
C ARG B 513 -0.35 17.64 -2.36
N PHE B 514 0.03 17.18 -1.15
CA PHE B 514 -0.45 15.89 -0.59
C PHE B 514 -1.96 15.86 -0.38
N ILE B 515 -2.58 17.00 -0.01
CA ILE B 515 -4.06 17.11 0.17
C ILE B 515 -4.72 16.89 -1.21
N TYR B 516 -4.18 17.56 -2.25
CA TYR B 516 -4.69 17.41 -3.62
C TYR B 516 -4.57 15.94 -4.09
N MET B 517 -3.39 15.32 -3.83
CA MET B 517 -3.11 13.92 -4.17
CA MET B 517 -3.12 13.93 -4.18
C MET B 517 -4.08 12.99 -3.45
N ALA B 518 -4.33 13.22 -2.13
CA ALA B 518 -5.22 12.40 -1.33
C ALA B 518 -6.66 12.48 -1.87
N VAL B 519 -7.15 13.69 -2.16
CA VAL B 519 -8.50 13.92 -2.70
C VAL B 519 -8.65 13.28 -4.12
N GLN B 520 -7.62 13.39 -4.94
CA GLN B 520 -7.60 12.78 -6.28
C GLN B 520 -7.69 11.24 -6.13
N HIS B 521 -6.83 10.65 -5.27
CA HIS B 521 -6.81 9.21 -5.01
C HIS B 521 -8.15 8.75 -4.47
N TYR B 522 -8.76 9.52 -3.55
CA TYR B 522 -10.06 9.17 -2.98
C TYR B 522 -11.14 9.09 -4.10
N ILE B 523 -11.24 10.14 -4.95
CA ILE B 523 -12.18 10.26 -6.07
C ILE B 523 -11.99 9.09 -7.06
N GLU B 524 -10.73 8.74 -7.42
CA GLU B 524 -10.39 7.62 -8.30
C GLU B 524 -10.85 6.24 -7.77
N THR B 525 -10.90 6.03 -6.43
CA THR B 525 -11.26 4.74 -5.83
C THR B 525 -12.78 4.55 -5.66
N LEU B 526 -13.59 5.50 -6.14
CA LEU B 526 -15.06 5.42 -6.09
C LEU B 526 -15.58 4.38 -7.11
C1 JE1 C . -1.84 -37.26 -13.14
C2 JE1 C . -1.69 -36.04 -12.45
C3 JE1 C . -2.87 -35.31 -12.28
O1 JE1 C . -0.75 -37.99 -13.42
C11 JE1 C . -7.98 -39.37 -11.04
C12 JE1 C . 1.03 -35.43 -13.05
C13 JE1 C . 0.57 -35.32 -14.39
C14 JE1 C . 1.48 -35.28 -15.46
C15 JE1 C . 2.84 -35.32 -15.18
C16 JE1 C . 2.44 -35.44 -12.85
C17 JE1 C . 3.11 -35.48 -11.47
C10 JE1 C . -8.65 -39.16 -13.43
C4 JE1 C . -4.07 -36.92 -13.42
C5 JE1 C . -6.55 -36.65 -13.53
C6 JE1 C . -7.31 -37.29 -12.33
C7 JE1 C . -7.50 -38.85 -12.42
C8 JE1 C . -6.18 -39.54 -12.91
C9 JE1 C . -5.53 -38.84 -14.13
F1 JE1 C . 4.33 -34.99 -11.59
F2 JE1 C . 2.44 -34.69 -10.62
F3 JE1 C . 3.23 -36.71 -10.95
N1 JE1 C . -3.00 -37.69 -13.65
N2 JE1 C . -4.05 -35.77 -12.74
N3 JE1 C . -5.32 -37.41 -13.78
N4 JE1 C . -6.96 -39.43 -10.01
N5 JE1 C . 3.31 -35.40 -13.91
S1 JE1 C . -0.15 -35.55 -11.73
P PO4 D . -16.01 -29.51 7.85
O1 PO4 D . -15.96 -30.61 6.68
O2 PO4 D . -17.46 -29.39 8.38
O3 PO4 D . -15.53 -28.12 7.23
O4 PO4 D . -15.01 -29.92 9.03
P PO4 E . 3.01 -42.76 -7.16
O1 PO4 E . 2.03 -42.58 -8.41
O2 PO4 E . 4.50 -42.93 -7.72
O3 PO4 E . 2.70 -44.01 -6.30
O4 PO4 E . 2.88 -41.50 -6.19
P PO4 F . 4.79 -39.53 -20.37
O1 PO4 F . 3.67 -39.70 -21.49
O2 PO4 F . 6.24 -39.62 -21.04
O3 PO4 F . 4.62 -40.66 -19.31
O4 PO4 F . 4.66 -38.08 -19.68
P PO4 G . 26.68 -8.67 -13.09
O1 PO4 G . 25.55 -7.78 -13.77
O2 PO4 G . 28.10 -8.27 -13.72
O3 PO4 G . 26.38 -10.17 -13.34
O4 PO4 G . 26.75 -8.37 -11.51
P PO4 H . 0.22 -12.35 7.44
O1 PO4 H . 0.97 -12.44 6.02
O2 PO4 H . -1.23 -12.89 7.31
O3 PO4 H . 0.20 -10.83 7.93
O4 PO4 H . 1.03 -13.23 8.51
P PO4 I . -15.72 -54.46 -18.38
O1 PO4 I . -16.72 -54.78 -19.52
O2 PO4 I . -14.27 -55.06 -18.72
O3 PO4 I . -15.63 -52.87 -18.18
O4 PO4 I . -16.25 -55.11 -17.03
C1 JE1 J . -6.96 32.50 -4.69
C2 JE1 J . -6.24 31.78 -3.71
C3 JE1 J . -5.20 30.96 -4.19
O1 JE1 J . -7.99 33.29 -4.33
C11 JE1 J . -1.79 33.77 -8.87
C12 JE1 J . -8.25 31.51 -1.71
C13 JE1 J . -8.94 30.75 -2.69
C14 JE1 J . -10.30 30.45 -2.51
C15 JE1 J . -10.92 30.92 -1.37
C16 JE1 J . -8.97 31.90 -0.53
C17 JE1 J . -8.35 32.70 0.63
C10 JE1 J . -3.10 32.60 -10.63
C4 JE1 J . -5.68 31.59 -6.33
C5 JE1 J . -4.19 30.70 -8.17
C6 JE1 J . -2.90 31.54 -8.35
C7 JE1 J . -3.06 32.91 -9.10
C8 JE1 J . -4.38 33.63 -8.68
C9 JE1 J . -5.62 32.70 -8.59
F1 JE1 J . -8.32 34.01 0.36
F2 JE1 J . -9.10 32.54 1.71
F3 JE1 J . -7.11 32.34 0.95
N1 JE1 J . -6.66 32.43 -5.99
N2 JE1 J . -4.91 30.89 -5.48
N3 JE1 J . -5.26 31.59 -7.67
N4 JE1 J . -1.79 34.58 -7.67
N5 JE1 J . -10.28 31.59 -0.39
S1 JE1 J . -6.55 31.93 -1.97
P PO4 K . 19.31 31.26 -0.29
O1 PO4 K . 18.22 31.63 -1.40
O2 PO4 K . 20.76 31.27 -0.97
O3 PO4 K . 19.02 29.90 0.27
O4 PO4 K . 19.25 32.25 0.96
P PO4 L . -6.58 41.00 -0.48
O1 PO4 L . -6.95 40.14 -1.77
O2 PO4 L . -7.80 40.99 0.49
O3 PO4 L . -6.30 42.53 -0.86
O4 PO4 L . -5.26 40.42 0.23
P PO4 M . -17.04 33.03 -4.27
O1 PO4 M . -17.30 32.52 -5.77
O2 PO4 M . -18.39 33.23 -3.53
O3 PO4 M . -16.27 34.43 -4.31
O4 PO4 M . -16.19 31.92 -3.49
P PO4 N . -19.72 14.36 29.43
O1 PO4 N . -20.16 13.48 28.17
O2 PO4 N . -20.83 14.33 30.52
O3 PO4 N . -19.46 15.87 28.97
O4 PO4 N . -18.37 13.76 30.06
P PO4 O . -5.68 42.00 -25.07
O1 PO4 O . -6.02 41.67 -26.54
O2 PO4 O . -4.30 42.82 -25.04
O3 PO4 O . -6.83 42.87 -24.39
O4 PO4 O . -5.46 40.63 -24.27
#